data_3M0Z
#
_entry.id   3M0Z
#
_cell.length_a   72.955
_cell.length_b   80.073
_cell.length_c   80.911
_cell.angle_alpha   90.00
_cell.angle_beta   94.11
_cell.angle_gamma   90.00
#
_symmetry.space_group_name_H-M   'P 1 21 1'
#
loop_
_entity.id
_entity.type
_entity.pdbx_description
1 polymer 'putative aldolase'
2 non-polymer 'SULFATE ION'
3 non-polymer GLYCEROL
4 non-polymer 2-AMINO-2-HYDROXYMETHYL-PROPANE-1,3-DIOL
5 water water
#
_entity_poly.entity_id   1
_entity_poly.type   'polypeptide(L)'
_entity_poly.pdbx_seq_one_letter_code
;SNA(MSE)KLTPNFYRDRVCLNVLAGSKDNAREIYDAAEGHVLVGVLSKNYPDVASAVVD(MSE)RDYAKLIDNALSVGL
GAGDPNQSA(MSE)VSEISRQVQPQHVNQVFTGVATSRALLGQNETVVNGLVSPTGTPG(MSE)VKISTGPLSSGAADGI
VPLETAIALLKD(MSE)GGSSIKYFP(MSE)GGLKHRAEFEAVAKACAAHDFWLEPTGGIDLENYSEILKIALDAGVSKI
IPHIYSSIIDKASGNTRPADVRQLLE(MSE)TKQLVK
;
_entity_poly.pdbx_strand_id   A,B,C,D
#
loop_
_chem_comp.id
_chem_comp.type
_chem_comp.name
_chem_comp.formula
GOL non-polymer GLYCEROL 'C3 H8 O3'
SO4 non-polymer 'SULFATE ION' 'O4 S -2'
TRS non-polymer 2-AMINO-2-HYDROXYMETHYL-PROPANE-1,3-DIOL 'C4 H12 N O3 1'
#
# COMPACT_ATOMS: atom_id res chain seq x y z
N ASN A 2 -8.36 5.63 -10.29
CA ASN A 2 -7.67 5.04 -11.50
C ASN A 2 -6.93 3.72 -11.20
N ALA A 3 -7.14 3.19 -10.01
CA ALA A 3 -6.48 1.96 -9.55
C ALA A 3 -7.02 0.72 -10.29
N MSE A 4 -6.22 -0.34 -10.41
CA MSE A 4 -6.75 -1.58 -10.98
C MSE A 4 -7.84 -2.18 -10.07
O MSE A 4 -7.90 -1.95 -8.86
CB MSE A 4 -5.64 -2.61 -11.24
CG MSE A 4 -4.59 -2.09 -12.26
SE MSE A 4 -3.43 -3.47 -12.91
CE MSE A 4 -2.43 -3.95 -11.36
N LYS A 5 -8.70 -2.95 -10.69
CA LYS A 5 -9.86 -3.58 -10.03
C LYS A 5 -9.40 -4.56 -8.96
N LEU A 6 -10.06 -4.48 -7.79
CA LEU A 6 -9.67 -5.28 -6.62
C LEU A 6 -10.60 -6.45 -6.35
N THR A 7 -11.65 -6.61 -7.17
CA THR A 7 -12.55 -7.73 -6.99
C THR A 7 -12.51 -8.66 -8.20
N PRO A 8 -12.79 -9.97 -8.03
CA PRO A 8 -12.74 -10.91 -9.16
C PRO A 8 -13.80 -10.70 -10.21
N ASN A 9 -13.55 -11.28 -11.38
CA ASN A 9 -14.50 -11.25 -12.47
C ASN A 9 -15.32 -12.55 -12.51
N PHE A 10 -16.40 -12.60 -11.74
CA PHE A 10 -17.25 -13.78 -11.71
C PHE A 10 -18.08 -13.93 -12.97
N TYR A 11 -18.15 -15.12 -13.52
CA TYR A 11 -19.05 -15.38 -14.64
C TYR A 11 -20.50 -15.36 -14.13
N ARG A 12 -21.31 -14.49 -14.75
CA ARG A 12 -22.71 -14.24 -14.34
C ARG A 12 -22.85 -14.09 -12.85
N ASP A 13 -21.89 -13.38 -12.22
CA ASP A 13 -21.92 -13.08 -10.80
C ASP A 13 -21.93 -14.32 -9.94
N ARG A 14 -21.42 -15.45 -10.45
CA ARG A 14 -21.56 -16.72 -9.72
C ARG A 14 -20.25 -17.48 -9.56
N VAL A 15 -19.44 -17.64 -10.61
CA VAL A 15 -18.28 -18.55 -10.56
C VAL A 15 -17.04 -17.92 -11.14
N CYS A 16 -15.92 -18.04 -10.45
CA CYS A 16 -14.64 -17.58 -10.96
C CYS A 16 -13.64 -18.72 -10.77
N LEU A 17 -12.96 -19.13 -11.84
CA LEU A 17 -11.98 -20.22 -11.71
C LEU A 17 -10.75 -19.77 -10.94
N ASN A 18 -10.04 -20.70 -10.30
CA ASN A 18 -8.73 -20.35 -9.75
C ASN A 18 -7.78 -21.46 -10.14
N VAL A 19 -6.76 -21.10 -10.91
CA VAL A 19 -5.79 -22.05 -11.41
C VAL A 19 -4.39 -21.44 -11.27
N LEU A 20 -3.34 -22.26 -11.27
CA LEU A 20 -1.96 -21.78 -11.09
C LEU A 20 -1.31 -21.43 -12.40
N ALA A 21 -0.44 -20.42 -12.39
CA ALA A 21 0.41 -20.13 -13.55
C ALA A 21 1.81 -20.70 -13.40
N GLY A 22 2.36 -21.24 -14.50
CA GLY A 22 3.75 -21.72 -14.48
C GLY A 22 4.75 -20.72 -14.99
N SER A 23 4.27 -19.59 -15.51
CA SER A 23 5.14 -18.55 -16.13
C SER A 23 4.26 -17.34 -16.40
N LYS A 24 4.89 -16.22 -16.73
CA LYS A 24 4.14 -15.04 -17.11
C LYS A 24 3.29 -15.27 -18.36
N ASP A 25 3.88 -15.92 -19.37
CA ASP A 25 3.12 -16.24 -20.57
C ASP A 25 1.99 -17.21 -20.30
N ASN A 26 2.20 -18.17 -19.40
CA ASN A 26 1.11 -19.07 -19.04
C ASN A 26 -0.04 -18.26 -18.41
N ALA A 27 0.27 -17.32 -17.51
CA ALA A 27 -0.75 -16.49 -16.92
C ALA A 27 -1.57 -15.73 -17.99
N ARG A 28 -0.89 -15.17 -18.99
CA ARG A 28 -1.60 -14.49 -20.07
C ARG A 28 -2.54 -15.44 -20.83
N GLU A 29 -2.03 -16.64 -21.12
CA GLU A 29 -2.82 -17.63 -21.87
C GLU A 29 -4.01 -18.14 -21.05
N ILE A 30 -3.81 -18.31 -19.75
CA ILE A 30 -4.90 -18.73 -18.87
C ILE A 30 -5.99 -17.68 -18.85
N TYR A 31 -5.59 -16.42 -18.71
CA TYR A 31 -6.54 -15.33 -18.60
C TYR A 31 -7.38 -15.18 -19.87
N ASP A 32 -6.73 -15.35 -21.04
CA ASP A 32 -7.43 -15.41 -22.29
C ASP A 32 -8.40 -16.60 -22.38
N ALA A 33 -7.93 -17.81 -22.02
CA ALA A 33 -8.71 -19.03 -22.13
C ALA A 33 -9.98 -18.98 -21.25
N ALA A 34 -9.89 -18.32 -20.08
CA ALA A 34 -11.05 -18.21 -19.19
C ALA A 34 -11.95 -17.02 -19.52
N GLU A 35 -11.62 -16.24 -20.56
CA GLU A 35 -12.37 -15.05 -20.92
C GLU A 35 -12.43 -14.09 -19.72
N GLY A 36 -11.34 -14.09 -18.94
CA GLY A 36 -11.23 -13.22 -17.78
C GLY A 36 -11.84 -13.70 -16.50
N HIS A 37 -12.59 -14.80 -16.52
CA HIS A 37 -13.30 -15.30 -15.35
C HIS A 37 -12.40 -16.26 -14.58
N VAL A 38 -11.27 -15.74 -14.14
CA VAL A 38 -10.26 -16.54 -13.47
C VAL A 38 -9.48 -15.65 -12.53
N LEU A 39 -8.86 -16.31 -11.55
CA LEU A 39 -7.86 -15.76 -10.64
C LEU A 39 -6.67 -16.68 -10.81
N VAL A 40 -5.54 -16.08 -11.18
CA VAL A 40 -4.33 -16.83 -11.51
C VAL A 40 -3.40 -16.89 -10.30
N GLY A 41 -3.12 -18.09 -9.83
CA GLY A 41 -2.35 -18.25 -8.59
C GLY A 41 -0.87 -18.26 -8.81
N VAL A 42 -0.19 -17.47 -7.98
CA VAL A 42 1.25 -17.40 -7.92
C VAL A 42 1.64 -17.59 -6.46
N LEU A 43 2.63 -18.43 -6.18
CA LEU A 43 2.86 -18.92 -4.83
C LEU A 43 4.01 -18.26 -4.12
N SER A 44 3.76 -17.79 -2.90
N SER A 44 3.72 -17.79 -2.90
CA SER A 44 4.82 -17.14 -2.14
CA SER A 44 4.71 -17.18 -1.99
C SER A 44 6.02 -18.07 -1.91
C SER A 44 5.97 -18.06 -1.87
N LYS A 45 5.75 -19.36 -1.74
CA LYS A 45 6.82 -20.33 -1.45
C LYS A 45 7.83 -20.44 -2.60
N ASN A 46 7.45 -19.97 -3.77
CA ASN A 46 8.34 -19.98 -4.94
C ASN A 46 9.32 -18.80 -5.02
N TYR A 47 9.35 -17.98 -3.97
CA TYR A 47 10.25 -16.83 -3.91
C TYR A 47 11.04 -16.89 -2.61
N PRO A 48 12.28 -16.37 -2.63
CA PRO A 48 13.13 -16.46 -1.46
C PRO A 48 12.84 -15.39 -0.42
N ASP A 49 12.12 -14.33 -0.81
N ASP A 49 12.10 -14.34 -0.78
CA ASP A 49 11.86 -13.20 0.09
CA ASP A 49 11.69 -13.35 0.22
C ASP A 49 10.64 -12.42 -0.37
C ASP A 49 10.58 -12.48 -0.32
N VAL A 50 10.07 -11.61 0.54
CA VAL A 50 8.90 -10.76 0.22
C VAL A 50 9.21 -9.88 -0.99
N ALA A 51 10.37 -9.24 -1.01
CA ALA A 51 10.62 -8.27 -2.08
C ALA A 51 10.59 -8.93 -3.44
N SER A 52 11.18 -10.12 -3.59
N SER A 52 11.20 -10.10 -3.56
CA SER A 52 11.21 -10.78 -4.90
CA SER A 52 11.23 -10.80 -4.84
C SER A 52 9.82 -11.27 -5.32
C SER A 52 9.79 -11.12 -5.27
N ALA A 53 9.01 -11.68 -4.34
CA ALA A 53 7.63 -12.03 -4.63
C ALA A 53 6.82 -10.83 -5.07
N VAL A 54 6.98 -9.71 -4.36
CA VAL A 54 6.19 -8.50 -4.66
C VAL A 54 6.52 -8.01 -6.05
N VAL A 55 7.81 -7.95 -6.38
CA VAL A 55 8.16 -7.43 -7.71
C VAL A 55 7.58 -8.32 -8.81
N ASP A 56 7.75 -9.65 -8.67
CA ASP A 56 7.28 -10.57 -9.70
C ASP A 56 5.77 -10.60 -9.79
N MSE A 57 5.10 -10.64 -8.64
CA MSE A 57 3.67 -10.76 -8.64
C MSE A 57 3.00 -9.48 -9.11
O MSE A 57 1.95 -9.54 -9.72
CB MSE A 57 3.13 -11.14 -7.26
CG MSE A 57 3.44 -12.58 -6.91
SE MSE A 57 2.51 -13.06 -5.32
CE MSE A 57 3.49 -14.68 -4.81
N ARG A 58 3.62 -8.31 -8.89
CA ARG A 58 3.04 -7.08 -9.46
C ARG A 58 3.03 -7.14 -10.98
N ASP A 59 4.08 -7.73 -11.56
CA ASP A 59 4.16 -7.85 -13.00
C ASP A 59 3.11 -8.85 -13.50
N TYR A 60 3.02 -10.03 -12.87
CA TYR A 60 1.92 -10.95 -13.23
C TYR A 60 0.59 -10.23 -13.21
N ALA A 61 0.33 -9.48 -12.13
CA ALA A 61 -0.97 -8.86 -11.95
C ALA A 61 -1.29 -7.88 -13.08
N LYS A 62 -0.30 -7.07 -13.46
CA LYS A 62 -0.58 -6.06 -14.49
C LYS A 62 -0.99 -6.73 -15.81
N LEU A 63 -0.34 -7.85 -16.14
CA LEU A 63 -0.63 -8.56 -17.40
C LEU A 63 -2.04 -9.13 -17.48
N ILE A 64 -2.68 -9.34 -16.33
CA ILE A 64 -3.99 -9.94 -16.25
C ILE A 64 -4.99 -9.06 -15.51
N ASP A 65 -4.78 -7.76 -15.61
CA ASP A 65 -5.78 -6.80 -15.10
C ASP A 65 -6.06 -6.99 -13.60
N ASN A 66 -5.04 -7.46 -12.87
CA ASN A 66 -5.07 -7.67 -11.42
C ASN A 66 -5.78 -8.94 -10.98
N ALA A 67 -6.07 -9.84 -11.92
CA ALA A 67 -6.72 -11.14 -11.61
C ALA A 67 -5.72 -12.16 -11.01
N LEU A 68 -5.01 -11.69 -10.00
CA LEU A 68 -3.96 -12.46 -9.30
C LEU A 68 -4.52 -13.01 -8.01
N SER A 69 -4.19 -14.27 -7.72
CA SER A 69 -4.45 -14.90 -6.42
C SER A 69 -3.11 -15.22 -5.74
N VAL A 70 -2.82 -14.53 -4.64
CA VAL A 70 -1.57 -14.78 -3.91
C VAL A 70 -1.72 -16.07 -3.13
N GLY A 71 -0.83 -17.02 -3.37
CA GLY A 71 -0.91 -18.32 -2.70
C GLY A 71 0.13 -18.52 -1.61
N LEU A 72 -0.21 -19.40 -0.70
CA LEU A 72 0.74 -19.89 0.30
C LEU A 72 1.74 -20.79 -0.36
N GLY A 73 1.23 -21.84 -1.00
N GLY A 73 1.25 -21.90 -0.91
CA GLY A 73 2.07 -22.79 -1.69
CA GLY A 73 2.08 -22.92 -1.59
C GLY A 73 2.11 -24.19 -1.12
C GLY A 73 2.60 -24.14 -0.81
N ALA A 74 1.33 -24.44 -0.07
N ALA A 74 2.43 -25.30 -1.43
CA ALA A 74 0.83 -25.79 0.16
CA ALA A 74 2.85 -26.61 -0.88
C ALA A 74 -0.56 -25.73 0.76
C ALA A 74 2.24 -26.80 0.50
N GLY A 75 -1.22 -24.58 0.71
N GLY A 75 0.94 -26.51 0.57
CA GLY A 75 -2.03 -24.20 1.86
CA GLY A 75 0.14 -26.48 1.79
C GLY A 75 -1.05 -24.21 3.06
C GLY A 75 0.74 -25.90 3.07
N ASP A 76 0.25 -24.10 2.77
N ASP A 76 1.72 -25.02 2.95
CA ASP A 76 1.32 -24.17 3.79
CA ASP A 76 2.45 -24.52 4.13
C ASP A 76 1.27 -23.07 4.82
C ASP A 76 1.82 -23.28 4.89
N PRO A 77 1.15 -23.46 6.09
CA PRO A 77 0.73 -22.36 6.96
C PRO A 77 1.90 -21.49 7.32
N ASN A 78 3.13 -21.99 7.22
CA ASN A 78 4.27 -21.17 7.55
C ASN A 78 4.53 -20.04 6.56
N GLN A 79 3.79 -20.04 5.45
CA GLN A 79 3.85 -18.93 4.48
C GLN A 79 2.85 -17.84 4.81
N SER A 80 2.04 -17.99 5.88
CA SER A 80 0.97 -17.05 6.11
C SER A 80 1.41 -15.61 6.29
N ALA A 81 2.41 -15.38 7.15
CA ALA A 81 2.87 -14.00 7.39
C ALA A 81 3.43 -13.38 6.13
N MSE A 82 4.17 -14.16 5.35
N MSE A 82 4.18 -14.16 5.34
CA MSE A 82 4.72 -13.70 4.09
CA MSE A 82 4.71 -13.64 4.09
C MSE A 82 3.59 -13.32 3.11
C MSE A 82 3.58 -13.29 3.11
O MSE A 82 3.67 -12.28 2.45
O MSE A 82 3.63 -12.26 2.44
CB MSE A 82 5.62 -14.79 3.51
CB MSE A 82 5.65 -14.67 3.48
CG MSE A 82 6.49 -14.30 2.39
CG MSE A 82 6.24 -14.21 2.16
SE MSE A 82 7.43 -15.76 1.55
SE MSE A 82 7.62 -15.41 1.57
CE MSE A 82 8.30 -14.80 0.14
CE MSE A 82 8.42 -15.50 3.28
N VAL A 83 2.57 -14.17 3.01
CA VAL A 83 1.44 -13.85 2.16
C VAL A 83 0.76 -12.55 2.59
N SER A 84 0.61 -12.32 3.89
CA SER A 84 -0.01 -11.08 4.34
C SER A 84 0.80 -9.85 3.91
N GLU A 85 2.13 -9.93 4.04
CA GLU A 85 2.97 -8.78 3.67
C GLU A 85 3.05 -8.58 2.16
N ILE A 86 3.15 -9.68 1.41
CA ILE A 86 3.12 -9.60 -0.04
C ILE A 86 1.80 -8.97 -0.48
N SER A 87 0.69 -9.43 0.08
CA SER A 87 -0.61 -8.96 -0.37
C SER A 87 -0.81 -7.48 -0.09
N ARG A 88 -0.34 -7.05 1.09
N ARG A 88 -0.34 -6.99 1.07
CA ARG A 88 -0.34 -5.64 1.45
CA ARG A 88 -0.44 -5.53 1.36
C ARG A 88 0.26 -4.77 0.33
C ARG A 88 0.26 -4.72 0.28
N GLN A 89 1.43 -5.20 -0.17
CA GLN A 89 2.17 -4.42 -1.14
C GLN A 89 1.64 -4.59 -2.56
N VAL A 90 1.15 -5.76 -2.88
CA VAL A 90 0.72 -6.05 -4.24
C VAL A 90 -0.71 -5.57 -4.52
N GLN A 91 -1.60 -5.73 -3.54
CA GLN A 91 -2.99 -5.34 -3.70
C GLN A 91 -3.69 -6.14 -4.82
N PRO A 92 -3.76 -7.47 -4.68
CA PRO A 92 -4.35 -8.34 -5.70
C PRO A 92 -5.86 -8.41 -5.56
N GLN A 93 -6.53 -9.09 -6.47
CA GLN A 93 -7.94 -9.39 -6.31
C GLN A 93 -8.23 -10.49 -5.28
N HIS A 94 -7.23 -11.35 -5.00
CA HIS A 94 -7.53 -12.54 -4.19
C HIS A 94 -6.31 -12.97 -3.39
N VAL A 95 -6.58 -13.42 -2.19
CA VAL A 95 -5.55 -13.91 -1.26
C VAL A 95 -6.00 -15.23 -0.65
N ASN A 96 -5.09 -16.20 -0.64
CA ASN A 96 -5.28 -17.46 0.07
C ASN A 96 -4.71 -17.32 1.48
N GLN A 97 -5.50 -17.63 2.52
CA GLN A 97 -4.96 -17.60 3.89
C GLN A 97 -5.35 -18.86 4.64
N VAL A 98 -4.56 -19.12 5.68
CA VAL A 98 -4.98 -20.11 6.69
C VAL A 98 -5.89 -19.42 7.69
N PHE A 99 -6.56 -20.18 8.54
CA PHE A 99 -7.60 -19.58 9.38
C PHE A 99 -7.05 -18.42 10.22
N THR A 100 -5.84 -18.58 10.73
CA THR A 100 -5.18 -17.64 11.62
C THR A 100 -4.51 -16.45 10.92
N GLY A 101 -4.61 -16.37 9.59
CA GLY A 101 -4.01 -15.30 8.81
C GLY A 101 -5.02 -14.40 8.13
N VAL A 102 -6.30 -14.73 8.16
CA VAL A 102 -7.32 -13.98 7.46
C VAL A 102 -7.38 -12.51 7.94
N ALA A 103 -7.49 -12.31 9.24
CA ALA A 103 -7.60 -10.97 9.81
C ALA A 103 -6.33 -10.17 9.57
N THR A 104 -5.16 -10.81 9.70
CA THR A 104 -3.89 -10.10 9.42
C THR A 104 -3.87 -9.63 8.00
N SER A 105 -4.22 -10.50 7.05
CA SER A 105 -4.23 -10.10 5.64
C SER A 105 -5.24 -8.97 5.40
N ARG A 106 -6.45 -9.09 5.94
CA ARG A 106 -7.45 -8.03 5.76
C ARG A 106 -6.94 -6.70 6.31
N ALA A 107 -6.35 -6.73 7.51
CA ALA A 107 -5.88 -5.50 8.16
C ALA A 107 -4.76 -4.85 7.34
N LEU A 108 -3.81 -5.65 6.84
CA LEU A 108 -2.72 -5.09 6.08
C LEU A 108 -3.14 -4.67 4.68
N LEU A 109 -4.12 -5.35 4.09
CA LEU A 109 -4.64 -4.89 2.81
C LEU A 109 -5.19 -3.48 2.91
N GLY A 110 -5.82 -3.17 4.03
CA GLY A 110 -6.34 -1.83 4.26
C GLY A 110 -7.62 -1.52 3.52
N GLN A 111 -8.26 -2.53 2.93
CA GLN A 111 -9.51 -2.35 2.22
C GLN A 111 -10.27 -3.65 2.23
N ASN A 112 -11.56 -3.55 1.95
CA ASN A 112 -12.52 -4.67 2.03
C ASN A 112 -12.88 -5.29 0.71
N GLU A 113 -12.25 -4.86 -0.39
CA GLU A 113 -12.59 -5.36 -1.74
C GLU A 113 -11.89 -6.66 -2.08
N THR A 114 -10.58 -6.75 -1.84
CA THR A 114 -9.85 -7.98 -2.14
C THR A 114 -10.54 -9.16 -1.44
N VAL A 115 -10.67 -10.28 -2.15
CA VAL A 115 -11.29 -11.49 -1.58
C VAL A 115 -10.24 -12.23 -0.81
N VAL A 116 -10.51 -12.52 0.47
CA VAL A 116 -9.56 -13.26 1.30
C VAL A 116 -10.24 -14.52 1.78
N ASN A 117 -9.70 -15.66 1.36
CA ASN A 117 -10.23 -16.93 1.83
C ASN A 117 -9.60 -17.37 3.13
N GLY A 118 -10.23 -18.32 3.80
CA GLY A 118 -9.68 -18.91 5.01
C GLY A 118 -9.81 -20.42 4.92
N LEU A 119 -8.70 -21.10 5.15
N LEU A 119 -8.68 -21.09 5.09
CA LEU A 119 -8.60 -22.55 5.00
CA LEU A 119 -8.59 -22.56 5.00
C LEU A 119 -9.21 -23.28 6.19
C LEU A 119 -9.24 -23.24 6.20
N VAL A 120 -10.24 -24.06 5.92
CA VAL A 120 -10.83 -24.95 6.94
C VAL A 120 -10.95 -26.31 6.26
N SER A 121 -11.02 -27.39 7.07
CA SER A 121 -10.78 -28.67 6.51
C SER A 121 -11.79 -29.75 6.97
N PRO A 122 -11.89 -30.82 6.20
CA PRO A 122 -12.78 -31.94 6.61
C PRO A 122 -12.36 -32.56 7.91
N THR A 123 -13.36 -33.18 8.54
CA THR A 123 -13.19 -33.83 9.83
C THR A 123 -13.67 -35.28 9.84
N GLY A 124 -14.37 -35.70 8.78
CA GLY A 124 -15.06 -36.99 8.85
C GLY A 124 -16.52 -36.89 9.25
N THR A 125 -16.95 -35.72 9.73
CA THR A 125 -18.30 -35.53 10.26
C THR A 125 -18.93 -34.33 9.54
N PRO A 126 -19.83 -34.62 8.59
CA PRO A 126 -20.51 -33.50 7.94
C PRO A 126 -21.11 -32.53 8.96
N GLY A 127 -20.95 -31.24 8.67
CA GLY A 127 -21.42 -30.18 9.55
C GLY A 127 -20.33 -29.61 10.47
N MSE A 128 -19.20 -30.34 10.63
CA MSE A 128 -18.11 -29.95 11.56
C MSE A 128 -16.87 -29.75 10.73
O MSE A 128 -16.52 -30.61 9.90
CB MSE A 128 -17.85 -31.10 12.55
CG MSE A 128 -19.01 -31.42 13.48
SE MSE A 128 -19.42 -29.93 14.74
CE MSE A 128 -21.16 -29.65 14.29
N VAL A 129 -16.18 -28.63 10.93
CA VAL A 129 -14.96 -28.34 10.17
C VAL A 129 -13.81 -28.02 11.09
N LYS A 130 -12.61 -28.39 10.63
CA LYS A 130 -11.38 -28.11 11.36
CA LYS A 130 -11.38 -28.11 11.36
C LYS A 130 -10.85 -26.71 11.02
N ILE A 131 -10.67 -25.89 12.06
CA ILE A 131 -10.23 -24.50 11.92
CA ILE A 131 -10.22 -24.53 11.86
C ILE A 131 -8.78 -24.30 12.35
N SER A 132 -8.16 -25.33 12.91
CA SER A 132 -6.78 -25.22 13.45
C SER A 132 -5.76 -25.43 12.35
N THR A 133 -5.73 -24.49 11.40
CA THR A 133 -4.95 -24.64 10.18
C THR A 133 -3.77 -23.69 10.08
N GLY A 134 -3.46 -23.00 11.18
CA GLY A 134 -2.33 -22.07 11.14
C GLY A 134 -1.01 -22.72 11.54
N PRO A 135 0.07 -21.93 11.63
CA PRO A 135 1.40 -22.48 11.83
C PRO A 135 1.51 -23.40 13.03
N LEU A 136 1.18 -22.91 14.22
CA LEU A 136 1.23 -23.73 15.44
C LEU A 136 -0.07 -24.51 15.64
N SER A 137 -1.21 -23.93 15.27
CA SER A 137 -2.46 -24.59 15.53
C SER A 137 -2.56 -25.89 14.71
N SER A 138 -1.95 -25.95 13.51
CA SER A 138 -1.99 -27.15 12.71
C SER A 138 -1.27 -28.33 13.39
N GLY A 139 -0.39 -28.05 14.35
CA GLY A 139 0.31 -29.08 15.09
C GLY A 139 -0.30 -29.43 16.44
N ALA A 140 -1.33 -28.69 16.84
CA ALA A 140 -2.04 -28.95 18.07
C ALA A 140 -3.17 -29.92 17.83
N ALA A 141 -3.78 -30.39 18.92
CA ALA A 141 -5.04 -31.18 18.79
C ALA A 141 -6.00 -30.41 17.89
N ASP A 142 -6.83 -31.14 17.13
CA ASP A 142 -7.68 -30.46 16.17
C ASP A 142 -8.72 -29.59 16.87
N GLY A 143 -8.92 -28.39 16.32
CA GLY A 143 -10.02 -27.51 16.78
C GLY A 143 -11.12 -27.56 15.74
N ILE A 144 -12.28 -28.08 16.15
CA ILE A 144 -13.38 -28.38 15.25
C ILE A 144 -14.61 -27.65 15.74
N VAL A 145 -15.27 -26.97 14.80
CA VAL A 145 -16.45 -26.17 15.13
C VAL A 145 -17.54 -26.38 14.10
N PRO A 146 -18.79 -26.05 14.46
CA PRO A 146 -19.84 -26.14 13.45
C PRO A 146 -19.62 -25.19 12.27
N LEU A 147 -20.12 -25.59 11.11
CA LEU A 147 -19.97 -24.74 9.91
C LEU A 147 -20.50 -23.31 10.12
N GLU A 148 -21.69 -23.16 10.74
CA GLU A 148 -22.20 -21.82 10.97
C GLU A 148 -21.19 -20.94 11.71
N THR A 149 -20.54 -21.57 12.69
CA THR A 149 -19.59 -20.88 13.54
C THR A 149 -18.31 -20.55 12.79
N ALA A 150 -17.81 -21.50 12.00
CA ALA A 150 -16.64 -21.21 11.19
C ALA A 150 -16.90 -20.03 10.25
N ILE A 151 -18.08 -19.99 9.64
CA ILE A 151 -18.44 -18.88 8.79
C ILE A 151 -18.47 -17.57 9.56
N ALA A 152 -19.11 -17.56 10.72
CA ALA A 152 -19.22 -16.32 11.50
C ALA A 152 -17.84 -15.87 11.97
N LEU A 153 -17.00 -16.83 12.40
CA LEU A 153 -15.61 -16.52 12.79
C LEU A 153 -14.85 -15.86 11.65
N LEU A 154 -14.94 -16.45 10.46
CA LEU A 154 -14.27 -15.92 9.29
C LEU A 154 -14.80 -14.53 8.95
N LYS A 155 -16.12 -14.32 8.99
CA LYS A 155 -16.68 -13.00 8.70
C LYS A 155 -16.16 -11.98 9.73
N ASP A 156 -16.14 -12.34 11.01
CA ASP A 156 -15.64 -11.45 12.05
C ASP A 156 -14.18 -11.07 11.81
N MSE A 157 -13.42 -11.94 11.18
CA MSE A 157 -12.00 -11.74 10.93
C MSE A 157 -11.72 -11.17 9.53
O MSE A 157 -10.59 -11.15 9.10
CB MSE A 157 -11.26 -13.06 11.14
CG MSE A 157 -11.32 -13.50 12.61
SE MSE A 157 -10.27 -15.07 13.08
CE MSE A 157 -10.81 -16.23 11.63
N GLY A 158 -12.75 -10.65 8.87
CA GLY A 158 -12.53 -9.96 7.61
C GLY A 158 -12.46 -10.87 6.40
N GLY A 159 -12.83 -12.14 6.57
CA GLY A 159 -12.78 -13.07 5.47
C GLY A 159 -13.96 -12.97 4.53
N SER A 160 -13.73 -13.43 3.31
CA SER A 160 -14.74 -13.43 2.26
C SER A 160 -15.33 -14.79 1.95
N SER A 161 -14.56 -15.84 2.23
CA SER A 161 -14.95 -17.17 1.76
C SER A 161 -14.25 -18.22 2.57
N ILE A 162 -14.83 -19.42 2.53
CA ILE A 162 -14.16 -20.63 3.00
C ILE A 162 -13.35 -21.22 1.86
N LYS A 163 -12.06 -21.54 2.11
CA LYS A 163 -11.33 -22.42 1.19
C LYS A 163 -11.39 -23.80 1.83
N TYR A 164 -12.13 -24.70 1.20
CA TYR A 164 -12.39 -26.01 1.79
C TYR A 164 -11.39 -27.01 1.20
N PHE A 165 -10.43 -27.42 2.03
CA PHE A 165 -9.25 -28.15 1.55
C PHE A 165 -8.76 -29.03 2.68
N PRO A 166 -8.32 -30.27 2.38
CA PRO A 166 -8.31 -30.95 1.08
C PRO A 166 -9.67 -31.61 0.88
N MSE A 167 -10.38 -31.29 -0.20
N MSE A 167 -10.40 -31.25 -0.19
CA MSE A 167 -11.74 -31.75 -0.30
CA MSE A 167 -11.76 -31.76 -0.38
C MSE A 167 -11.87 -33.23 -0.71
C MSE A 167 -11.83 -33.25 -0.64
O MSE A 167 -12.91 -33.86 -0.48
O MSE A 167 -12.80 -33.93 -0.25
CB MSE A 167 -12.49 -30.82 -1.23
CB MSE A 167 -12.43 -31.02 -1.54
CG MSE A 167 -13.89 -31.23 -1.60
CG MSE A 167 -13.64 -31.71 -2.23
SE MSE A 167 -14.58 -29.91 -2.84
SE MSE A 167 -14.62 -30.34 -3.24
CE MSE A 167 -13.50 -30.35 -4.29
CE MSE A 167 -13.73 -29.19 -2.06
N GLY A 168 -10.80 -33.77 -1.31
CA GLY A 168 -10.77 -35.19 -1.70
C GLY A 168 -11.53 -35.55 -2.97
N GLY A 169 -11.70 -34.58 -3.89
CA GLY A 169 -12.49 -34.83 -5.09
C GLY A 169 -13.94 -35.08 -4.73
N LEU A 170 -14.40 -36.30 -4.91
CA LEU A 170 -15.75 -36.68 -4.50
C LEU A 170 -15.73 -37.76 -3.42
N LYS A 171 -14.57 -38.00 -2.81
CA LYS A 171 -14.46 -39.06 -1.83
C LYS A 171 -15.27 -38.81 -0.58
N HIS A 172 -15.46 -37.54 -0.27
CA HIS A 172 -16.17 -37.10 0.94
C HIS A 172 -17.28 -36.13 0.56
N ARG A 173 -18.17 -36.65 -0.27
N ARG A 173 -18.16 -36.63 -0.28
CA ARG A 173 -19.24 -35.87 -0.87
CA ARG A 173 -19.19 -35.80 -0.86
C ARG A 173 -20.17 -35.26 0.20
C ARG A 173 -20.19 -35.26 0.18
N ALA A 174 -20.57 -36.06 1.18
CA ALA A 174 -21.50 -35.58 2.21
C ALA A 174 -20.91 -34.43 3.01
N GLU A 175 -19.63 -34.49 3.35
CA GLU A 175 -19.03 -33.35 4.05
C GLU A 175 -19.08 -32.12 3.16
N PHE A 176 -18.73 -32.27 1.87
CA PHE A 176 -18.76 -31.13 0.97
C PHE A 176 -20.17 -30.56 0.80
N GLU A 177 -21.15 -31.45 0.65
N GLU A 177 -21.15 -31.45 0.64
CA GLU A 177 -22.52 -30.97 0.55
CA GLU A 177 -22.54 -31.00 0.57
C GLU A 177 -22.91 -30.13 1.76
C GLU A 177 -22.91 -30.14 1.77
N ALA A 178 -22.52 -30.57 2.96
CA ALA A 178 -22.84 -29.80 4.17
C ALA A 178 -22.14 -28.44 4.13
N VAL A 179 -20.90 -28.38 3.67
CA VAL A 179 -20.20 -27.10 3.55
C VAL A 179 -20.98 -26.16 2.63
N ALA A 180 -21.37 -26.66 1.45
CA ALA A 180 -22.06 -25.84 0.49
C ALA A 180 -23.41 -25.37 1.06
N LYS A 181 -24.14 -26.28 1.72
N LYS A 181 -24.13 -26.27 1.72
CA LYS A 181 -25.43 -25.94 2.35
CA LYS A 181 -25.41 -25.88 2.29
C LYS A 181 -25.24 -24.80 3.36
C LYS A 181 -25.24 -24.80 3.37
N ALA A 182 -24.18 -24.89 4.17
CA ALA A 182 -23.96 -23.88 5.20
C ALA A 182 -23.57 -22.52 4.59
N CYS A 183 -22.75 -22.55 3.54
CA CYS A 183 -22.40 -21.30 2.91
C CYS A 183 -23.64 -20.64 2.30
N ALA A 184 -24.55 -21.44 1.72
CA ALA A 184 -25.79 -20.88 1.19
C ALA A 184 -26.67 -20.32 2.33
N ALA A 185 -26.82 -21.09 3.41
CA ALA A 185 -27.71 -20.68 4.49
C ALA A 185 -27.20 -19.44 5.20
N HIS A 186 -25.88 -19.33 5.32
CA HIS A 186 -25.26 -18.27 6.14
C HIS A 186 -24.55 -17.22 5.31
N ASP A 187 -24.93 -17.12 4.03
CA ASP A 187 -24.48 -16.03 3.17
CA ASP A 187 -24.49 -16.01 3.20
C ASP A 187 -22.96 -15.89 3.15
N PHE A 188 -22.28 -16.96 2.74
CA PHE A 188 -20.83 -16.88 2.60
C PHE A 188 -20.40 -17.55 1.31
N TRP A 189 -19.21 -17.22 0.83
CA TRP A 189 -18.71 -17.76 -0.43
C TRP A 189 -17.84 -18.99 -0.19
N LEU A 190 -17.63 -19.78 -1.24
CA LEU A 190 -16.99 -21.10 -1.10
C LEU A 190 -15.97 -21.31 -2.19
N GLU A 191 -14.82 -21.86 -1.80
CA GLU A 191 -13.73 -22.16 -2.74
C GLU A 191 -13.35 -23.64 -2.60
N PRO A 192 -14.06 -24.53 -3.32
CA PRO A 192 -13.73 -25.95 -3.28
C PRO A 192 -12.34 -26.23 -3.82
N THR A 193 -11.51 -26.97 -3.09
CA THR A 193 -10.15 -27.26 -3.53
C THR A 193 -9.69 -28.64 -3.13
N GLY A 194 -9.15 -29.36 -4.12
CA GLY A 194 -8.47 -30.63 -3.89
C GLY A 194 -9.14 -31.76 -4.66
N GLY A 195 -8.40 -32.29 -5.63
CA GLY A 195 -8.90 -33.43 -6.40
C GLY A 195 -9.87 -33.13 -7.51
N ILE A 196 -10.04 -31.86 -7.87
CA ILE A 196 -10.93 -31.52 -8.98
C ILE A 196 -10.22 -31.84 -10.30
N ASP A 197 -10.94 -32.47 -11.20
CA ASP A 197 -10.41 -32.73 -12.54
C ASP A 197 -11.51 -32.51 -13.57
N LEU A 198 -11.20 -32.71 -14.85
CA LEU A 198 -12.20 -32.41 -15.87
C LEU A 198 -13.43 -33.30 -15.76
N GLU A 199 -13.22 -34.52 -15.26
CA GLU A 199 -14.32 -35.49 -15.17
C GLU A 199 -15.24 -35.29 -13.96
N ASN A 200 -14.77 -34.69 -12.87
CA ASN A 200 -15.67 -34.47 -11.73
C ASN A 200 -16.03 -32.98 -11.55
N TYR A 201 -15.52 -32.10 -12.39
CA TYR A 201 -15.74 -30.65 -12.20
C TYR A 201 -17.22 -30.31 -12.17
N SER A 202 -17.96 -30.79 -13.17
CA SER A 202 -19.37 -30.39 -13.24
C SER A 202 -20.14 -30.86 -12.02
N GLU A 203 -19.90 -32.10 -11.60
CA GLU A 203 -20.61 -32.62 -10.44
C GLU A 203 -20.29 -31.80 -9.18
N ILE A 204 -19.01 -31.50 -8.99
CA ILE A 204 -18.60 -30.75 -7.80
C ILE A 204 -19.19 -29.32 -7.85
N LEU A 205 -19.06 -28.65 -8.98
CA LEU A 205 -19.61 -27.30 -9.10
C LEU A 205 -21.13 -27.33 -8.84
N LYS A 206 -21.79 -28.32 -9.42
CA LYS A 206 -23.24 -28.41 -9.28
C LYS A 206 -23.68 -28.59 -7.82
N ILE A 207 -22.91 -29.29 -7.01
CA ILE A 207 -23.25 -29.40 -5.59
C ILE A 207 -23.35 -27.99 -5.00
N ALA A 208 -22.38 -27.12 -5.31
CA ALA A 208 -22.39 -25.80 -4.73
C ALA A 208 -23.50 -24.93 -5.33
N LEU A 209 -23.72 -25.04 -6.64
CA LEU A 209 -24.80 -24.29 -7.28
C LEU A 209 -26.17 -24.73 -6.74
N ASP A 210 -26.41 -26.05 -6.66
CA ASP A 210 -27.69 -26.59 -6.21
C ASP A 210 -27.97 -26.15 -4.76
N ALA A 211 -26.91 -26.07 -3.94
CA ALA A 211 -27.08 -25.70 -2.56
C ALA A 211 -27.53 -24.24 -2.46
N GLY A 212 -27.13 -23.41 -3.41
CA GLY A 212 -27.45 -22.00 -3.40
C GLY A 212 -26.30 -21.09 -2.98
N VAL A 213 -25.05 -21.55 -3.12
CA VAL A 213 -23.93 -20.68 -2.74
C VAL A 213 -23.83 -19.51 -3.72
N SER A 214 -23.75 -18.28 -3.21
N SER A 214 -23.75 -18.28 -3.22
CA SER A 214 -23.81 -17.10 -4.08
CA SER A 214 -23.88 -17.10 -4.08
C SER A 214 -22.60 -17.02 -5.03
C SER A 214 -22.66 -16.85 -5.00
N LYS A 215 -21.40 -17.14 -4.46
N LYS A 215 -21.45 -17.17 -4.52
CA LYS A 215 -20.18 -17.03 -5.23
CA LYS A 215 -20.24 -17.04 -5.32
C LYS A 215 -19.31 -18.23 -4.94
C LYS A 215 -19.27 -18.16 -4.97
N ILE A 216 -18.75 -18.79 -6.02
CA ILE A 216 -17.98 -20.01 -5.92
C ILE A 216 -16.69 -19.82 -6.69
N ILE A 217 -15.56 -20.20 -6.07
CA ILE A 217 -14.24 -20.13 -6.71
C ILE A 217 -13.61 -21.52 -6.61
N PRO A 218 -13.87 -22.39 -7.61
CA PRO A 218 -13.19 -23.71 -7.62
C PRO A 218 -11.72 -23.55 -7.93
N HIS A 219 -10.89 -24.29 -7.21
CA HIS A 219 -9.46 -24.31 -7.47
C HIS A 219 -9.12 -25.61 -8.16
N ILE A 220 -8.44 -25.55 -9.30
CA ILE A 220 -8.06 -26.75 -10.06
C ILE A 220 -6.57 -26.66 -10.34
N TYR A 221 -5.78 -27.51 -9.66
CA TYR A 221 -4.33 -27.44 -9.73
C TYR A 221 -3.76 -28.63 -10.51
N SER A 222 -3.36 -29.69 -9.81
CA SER A 222 -2.52 -30.70 -10.46
C SER A 222 -3.14 -31.38 -11.69
N SER A 223 -4.45 -31.60 -11.71
CA SER A 223 -5.04 -32.34 -12.81
C SER A 223 -4.92 -31.60 -14.15
N ILE A 224 -4.70 -30.28 -14.11
CA ILE A 224 -4.63 -29.52 -15.36
C ILE A 224 -3.26 -28.93 -15.64
N ILE A 225 -2.26 -29.41 -14.90
CA ILE A 225 -0.90 -28.90 -15.06
C ILE A 225 -0.06 -29.95 -15.82
N ASP A 226 0.57 -29.49 -16.88
CA ASP A 226 1.52 -30.31 -17.65
C ASP A 226 2.80 -30.40 -16.83
N LYS A 227 3.16 -31.60 -16.43
CA LYS A 227 4.29 -31.74 -15.50
C LYS A 227 5.64 -31.38 -16.08
N ALA A 228 5.80 -31.55 -17.39
CA ALA A 228 7.08 -31.25 -18.04
C ALA A 228 7.39 -29.74 -18.00
N SER A 229 6.37 -28.91 -18.22
CA SER A 229 6.54 -27.46 -18.29
C SER A 229 6.18 -26.77 -17.00
N GLY A 230 5.33 -27.42 -16.19
CA GLY A 230 4.78 -26.76 -15.01
C GLY A 230 3.63 -25.81 -15.32
N ASN A 231 3.22 -25.73 -16.58
CA ASN A 231 2.16 -24.81 -16.97
C ASN A 231 0.78 -25.44 -16.89
N THR A 232 -0.20 -24.65 -16.49
CA THR A 232 -1.61 -25.05 -16.61
C THR A 232 -2.00 -25.05 -18.07
N ARG A 233 -2.67 -26.11 -18.53
N ARG A 233 -2.66 -26.11 -18.53
CA ARG A 233 -3.01 -26.22 -19.95
CA ARG A 233 -3.01 -26.22 -19.95
C ARG A 233 -4.13 -25.26 -20.31
C ARG A 233 -4.13 -25.27 -20.32
N PRO A 234 -3.88 -24.34 -21.27
CA PRO A 234 -4.95 -23.44 -21.66
C PRO A 234 -6.20 -24.15 -22.16
N ALA A 235 -6.05 -25.26 -22.88
CA ALA A 235 -7.23 -25.99 -23.36
C ALA A 235 -8.06 -26.54 -22.19
N ASP A 236 -7.39 -26.91 -21.07
CA ASP A 236 -8.16 -27.40 -19.91
C ASP A 236 -8.93 -26.25 -19.29
N VAL A 237 -8.31 -25.04 -19.26
CA VAL A 237 -9.03 -23.86 -18.75
C VAL A 237 -10.25 -23.55 -19.64
N ARG A 238 -10.08 -23.65 -20.96
N ARG A 238 -10.08 -23.65 -20.96
CA ARG A 238 -11.23 -23.43 -21.87
CA ARG A 238 -11.24 -23.44 -21.87
C ARG A 238 -12.35 -24.43 -21.55
C ARG A 238 -12.36 -24.44 -21.55
N GLN A 239 -12.00 -25.70 -21.34
CA GLN A 239 -13.04 -26.70 -21.04
C GLN A 239 -13.69 -26.42 -19.68
N LEU A 240 -12.91 -26.02 -18.69
CA LEU A 240 -13.48 -25.66 -17.41
C LEU A 240 -14.48 -24.50 -17.56
N LEU A 241 -14.12 -23.49 -18.37
CA LEU A 241 -15.02 -22.38 -18.63
C LEU A 241 -16.32 -22.87 -19.31
N GLU A 242 -16.14 -23.72 -20.32
N GLU A 242 -16.18 -23.71 -20.34
CA GLU A 242 -17.28 -24.30 -21.05
CA GLU A 242 -17.40 -24.19 -21.02
C GLU A 242 -18.26 -25.03 -20.11
C GLU A 242 -18.30 -25.01 -20.08
N MSE A 243 -17.71 -25.87 -19.24
CA MSE A 243 -18.51 -26.64 -18.29
C MSE A 243 -19.20 -25.72 -17.30
O MSE A 243 -20.34 -26.01 -16.89
CB MSE A 243 -17.64 -27.67 -17.60
CG MSE A 243 -17.21 -28.81 -18.58
SE MSE A 243 -16.18 -30.30 -17.80
CE MSE A 243 -14.72 -29.29 -17.10
N THR A 244 -18.55 -24.60 -16.93
CA THR A 244 -19.12 -23.62 -16.05
C THR A 244 -20.34 -22.96 -16.72
N LYS A 245 -20.15 -22.55 -17.98
CA LYS A 245 -21.24 -21.89 -18.71
C LYS A 245 -22.46 -22.79 -18.85
N GLN A 246 -22.25 -24.09 -19.02
N GLN A 246 -22.23 -24.09 -19.06
CA GLN A 246 -23.35 -25.05 -19.17
CA GLN A 246 -23.33 -25.02 -19.19
C GLN A 246 -24.16 -25.20 -17.90
C GLN A 246 -24.18 -25.05 -17.92
N LEU A 247 -23.55 -24.92 -16.74
CA LEU A 247 -24.24 -24.99 -15.45
C LEU A 247 -24.79 -23.67 -14.95
N VAL A 248 -24.22 -22.56 -15.40
CA VAL A 248 -24.58 -21.26 -14.85
C VAL A 248 -25.31 -20.42 -15.90
N LYS A 249 -26.61 -20.20 -15.72
CA LYS A 249 -27.45 -19.38 -16.62
C LYS A 249 -28.78 -19.12 -15.99
N ALA B 3 10.87 4.68 28.54
N ALA B 3 11.03 5.87 25.72
CA ALA B 3 10.50 6.12 28.34
CA ALA B 3 9.68 5.77 25.08
C ALA B 3 9.04 6.21 27.93
C ALA B 3 8.66 5.53 26.16
N MSE B 4 8.66 5.43 26.92
N MSE B 4 7.37 5.61 25.82
CA MSE B 4 7.26 5.09 26.66
CA MSE B 4 6.33 5.11 26.70
C MSE B 4 7.25 3.55 26.66
C MSE B 4 6.55 3.60 26.65
O MSE B 4 7.63 2.88 25.66
O MSE B 4 6.57 3.02 25.59
CB MSE B 4 6.78 5.70 25.33
CB MSE B 4 4.91 5.41 26.15
CG MSE B 4 6.62 7.24 25.44
CG MSE B 4 4.75 6.66 25.35
SE MSE B 4 7.48 8.23 24.00
SE MSE B 4 4.23 6.35 23.50
CE MSE B 4 7.58 6.85 22.82
CE MSE B 4 3.37 4.59 23.62
N LYS B 5 6.84 2.99 27.80
CA LYS B 5 6.94 1.54 27.94
C LYS B 5 5.68 0.89 27.41
N LEU B 6 5.88 -0.14 26.58
CA LEU B 6 4.78 -0.83 25.93
C LEU B 6 4.47 -2.20 26.56
N THR B 7 5.26 -2.61 27.54
CA THR B 7 4.99 -3.86 28.24
C THR B 7 4.49 -3.55 29.66
N PRO B 8 3.66 -4.44 30.24
CA PRO B 8 3.18 -4.19 31.60
C PRO B 8 4.28 -4.31 32.66
N ASN B 9 4.03 -3.70 33.80
CA ASN B 9 4.94 -3.75 34.96
C ASN B 9 4.61 -4.93 35.87
N PHE B 10 5.02 -6.14 35.48
CA PHE B 10 4.76 -7.33 36.29
C PHE B 10 5.56 -7.33 37.57
N TYR B 11 4.91 -7.61 38.69
CA TYR B 11 5.62 -7.75 39.96
C TYR B 11 6.44 -9.02 39.91
N ARG B 12 7.75 -8.85 40.15
N ARG B 12 7.75 -8.92 40.16
CA ARG B 12 8.77 -9.90 40.04
CA ARG B 12 8.69 -10.06 40.11
C ARG B 12 8.53 -10.75 38.80
C ARG B 12 8.59 -10.78 38.76
N ASP B 13 8.24 -10.06 37.69
CA ASP B 13 8.07 -10.69 36.37
C ASP B 13 6.98 -11.77 36.34
N ARG B 14 5.99 -11.67 37.23
CA ARG B 14 5.00 -12.74 37.36
C ARG B 14 3.57 -12.25 37.30
N VAL B 15 3.20 -11.19 38.05
CA VAL B 15 1.78 -10.81 38.18
C VAL B 15 1.60 -9.33 37.99
N CYS B 16 0.61 -8.93 37.21
CA CYS B 16 0.23 -7.52 37.07
C CYS B 16 -1.27 -7.44 37.25
N LEU B 17 -1.73 -6.53 38.09
CA LEU B 17 -3.18 -6.39 38.30
C LEU B 17 -3.82 -5.68 37.09
N ASN B 18 -5.12 -5.88 36.88
CA ASN B 18 -5.87 -5.09 35.91
C ASN B 18 -7.19 -4.70 36.56
N VAL B 19 -7.39 -3.39 36.71
CA VAL B 19 -8.61 -2.86 37.37
C VAL B 19 -9.07 -1.65 36.56
N LEU B 20 -10.32 -1.23 36.72
CA LEU B 20 -10.88 -0.14 35.92
C LEU B 20 -10.75 1.21 36.58
N ALA B 21 -10.49 2.25 35.78
CA ALA B 21 -10.51 3.62 36.33
C ALA B 21 -11.92 4.22 36.21
N GLY B 22 -12.34 4.93 37.25
CA GLY B 22 -13.60 5.73 37.17
C GLY B 22 -13.42 7.15 36.73
N SER B 23 -12.17 7.60 36.65
CA SER B 23 -11.84 8.99 36.36
C SER B 23 -10.33 9.05 36.16
N LYS B 24 -9.86 10.18 35.64
CA LYS B 24 -8.43 10.41 35.52
C LYS B 24 -7.72 10.43 36.87
N ASP B 25 -8.29 11.12 37.85
CA ASP B 25 -7.68 11.11 39.18
C ASP B 25 -7.67 9.69 39.74
N ASN B 26 -8.74 8.91 39.52
CA ASN B 26 -8.76 7.52 40.01
C ASN B 26 -7.65 6.68 39.35
N ALA B 27 -7.42 6.90 38.04
CA ALA B 27 -6.32 6.20 37.36
C ALA B 27 -4.99 6.44 38.08
N ARG B 28 -4.71 7.70 38.44
N ARG B 28 -4.69 7.69 38.43
CA ARG B 28 -3.48 8.03 39.14
CA ARG B 28 -3.42 7.95 39.08
C ARG B 28 -3.44 7.38 40.55
C ARG B 28 -3.33 7.31 40.47
N GLU B 29 -4.57 7.41 41.25
N GLU B 29 -4.42 7.39 41.24
CA GLU B 29 -4.70 6.77 42.57
CA GLU B 29 -4.42 6.80 42.59
C GLU B 29 -4.33 5.32 42.48
C GLU B 29 -4.34 5.27 42.52
N ILE B 30 -4.94 4.65 41.50
CA ILE B 30 -4.78 3.22 41.30
C ILE B 30 -3.29 2.89 41.03
N TYR B 31 -2.67 3.65 40.13
CA TYR B 31 -1.29 3.41 39.76
C TYR B 31 -0.36 3.53 40.97
N ASP B 32 -0.59 4.54 41.80
N ASP B 32 -0.61 4.54 41.79
CA ASP B 32 0.19 4.68 43.02
CA ASP B 32 0.12 4.76 43.04
C ASP B 32 -0.06 3.52 43.99
C ASP B 32 -0.09 3.60 44.00
N ALA B 33 -1.34 3.20 44.20
CA ALA B 33 -1.70 2.14 45.15
C ALA B 33 -1.06 0.80 44.80
N ALA B 34 -0.95 0.51 43.50
CA ALA B 34 -0.34 -0.73 43.03
C ALA B 34 1.17 -0.66 42.88
N GLU B 35 1.76 0.50 43.24
CA GLU B 35 3.22 0.72 43.06
C GLU B 35 3.61 0.44 41.61
N GLY B 36 2.70 0.78 40.70
CA GLY B 36 2.92 0.63 39.27
C GLY B 36 2.64 -0.74 38.68
N HIS B 37 2.33 -1.75 39.51
CA HIS B 37 2.14 -3.13 39.05
C HIS B 37 0.68 -3.33 38.66
N VAL B 38 0.21 -2.47 37.76
CA VAL B 38 -1.20 -2.51 37.36
C VAL B 38 -1.30 -2.00 35.94
N LEU B 39 -2.38 -2.45 35.31
CA LEU B 39 -2.86 -1.93 34.03
C LEU B 39 -4.24 -1.35 34.32
N VAL B 40 -4.42 -0.08 33.98
CA VAL B 40 -5.64 0.66 34.31
C VAL B 40 -6.58 0.65 33.10
N GLY B 41 -7.74 0.02 33.28
CA GLY B 41 -8.69 -0.15 32.17
C GLY B 41 -9.54 1.08 31.91
N VAL B 42 -9.64 1.46 30.63
CA VAL B 42 -10.55 2.51 30.15
C VAL B 42 -11.28 1.89 28.99
N LEU B 43 -12.58 2.08 28.96
CA LEU B 43 -13.45 1.30 28.04
C LEU B 43 -13.87 2.05 26.80
N SER B 44 -13.73 1.43 25.65
N SER B 44 -13.72 1.41 25.65
CA SER B 44 -14.08 2.08 24.41
CA SER B 44 -14.12 1.93 24.33
C SER B 44 -15.57 2.42 24.35
C SER B 44 -15.56 2.40 24.35
N LYS B 45 -16.41 1.62 25.00
CA LYS B 45 -17.85 1.85 24.99
C LYS B 45 -18.25 3.17 25.66
N ASN B 46 -17.34 3.78 26.43
CA ASN B 46 -17.58 5.07 27.01
C ASN B 46 -17.41 6.26 26.08
N TYR B 47 -17.06 6.01 24.82
CA TYR B 47 -16.83 7.07 23.81
C TYR B 47 -17.69 6.75 22.59
N PRO B 48 -18.19 7.79 21.91
CA PRO B 48 -19.05 7.56 20.76
C PRO B 48 -18.31 7.17 19.52
N ASP B 49 -17.00 7.42 19.44
CA ASP B 49 -16.28 7.28 18.17
C ASP B 49 -14.77 7.13 18.47
N VAL B 50 -14.06 6.59 17.50
CA VAL B 50 -12.63 6.28 17.66
C VAL B 50 -11.79 7.54 17.98
N ALA B 51 -11.98 8.63 17.23
CA ALA B 51 -11.15 9.81 17.44
C ALA B 51 -11.29 10.35 18.86
N SER B 52 -12.54 10.36 19.36
N SER B 52 -12.52 10.42 19.38
CA SER B 52 -12.85 10.82 20.72
CA SER B 52 -12.68 10.93 20.73
C SER B 52 -12.14 9.99 21.77
C SER B 52 -11.99 10.00 21.73
N ALA B 53 -12.15 8.68 21.55
CA ALA B 53 -11.48 7.75 22.47
C ALA B 53 -9.96 7.90 22.42
N VAL B 54 -9.40 8.09 21.22
CA VAL B 54 -7.94 8.25 21.10
C VAL B 54 -7.46 9.46 21.92
N VAL B 55 -8.11 10.60 21.76
CA VAL B 55 -7.71 11.77 22.49
C VAL B 55 -7.74 11.51 24.01
N ASP B 56 -8.83 10.95 24.50
CA ASP B 56 -8.97 10.80 25.94
C ASP B 56 -8.10 9.71 26.50
N MSE B 57 -7.99 8.60 25.79
CA MSE B 57 -7.15 7.52 26.28
C MSE B 57 -5.66 7.87 26.21
O MSE B 57 -4.90 7.43 27.08
CB MSE B 57 -7.47 6.21 25.58
CG MSE B 57 -8.84 5.70 25.95
SE MSE B 57 -8.96 3.82 25.43
CE MSE B 57 -10.86 3.56 25.54
N ARG B 58 -5.22 8.66 25.25
N ARG B 58 -5.27 8.64 25.19
CA ARG B 58 -3.84 9.09 25.35
CA ARG B 58 -3.91 9.21 25.11
C ARG B 58 -3.63 9.89 26.60
C ARG B 58 -3.59 10.01 26.38
N ASP B 59 -4.57 10.78 26.89
CA ASP B 59 -4.44 11.59 28.08
C ASP B 59 -4.37 10.70 29.33
N TYR B 60 -5.28 9.74 29.47
CA TYR B 60 -5.16 8.78 30.58
C TYR B 60 -3.77 8.15 30.60
N ALA B 61 -3.33 7.61 29.46
CA ALA B 61 -2.05 6.89 29.40
C ALA B 61 -0.90 7.77 29.88
N LYS B 62 -0.90 9.05 29.48
CA LYS B 62 0.19 9.96 29.89
C LYS B 62 0.22 10.13 31.41
N LEU B 63 -0.93 10.06 32.09
CA LEU B 63 -0.97 10.25 33.54
C LEU B 63 -0.35 9.08 34.31
N ILE B 64 -0.23 7.92 33.67
CA ILE B 64 0.16 6.70 34.34
C ILE B 64 1.28 5.98 33.60
N ASP B 65 2.12 6.75 32.92
CA ASP B 65 3.31 6.20 32.26
C ASP B 65 2.97 5.01 31.36
N ASN B 66 1.86 5.17 30.65
CA ASN B 66 1.44 4.23 29.65
C ASN B 66 0.84 2.93 30.12
N ALA B 67 0.56 2.82 31.43
CA ALA B 67 0.02 1.57 31.99
C ALA B 67 -1.50 1.48 31.79
N LEU B 68 -1.92 1.67 30.55
CA LEU B 68 -3.29 1.66 30.13
C LEU B 68 -3.67 0.30 29.53
N SER B 69 -4.88 -0.15 29.87
CA SER B 69 -5.50 -1.31 29.23
C SER B 69 -6.73 -0.85 28.47
N VAL B 70 -6.71 -0.96 27.15
CA VAL B 70 -7.87 -0.55 26.35
C VAL B 70 -8.92 -1.67 26.43
N GLY B 71 -10.13 -1.30 26.87
CA GLY B 71 -11.17 -2.27 27.06
C GLY B 71 -12.28 -2.18 26.05
N LEU B 72 -13.03 -3.26 25.93
CA LEU B 72 -14.22 -3.33 25.09
C LEU B 72 -15.33 -2.56 25.80
N GLY B 73 -15.80 -3.14 26.91
CA GLY B 73 -16.80 -2.47 27.73
C GLY B 73 -18.14 -3.18 27.68
N ALA B 74 -18.64 -3.48 28.89
CA ALA B 74 -19.93 -4.11 29.09
C ALA B 74 -20.01 -5.48 28.43
N GLY B 75 -18.85 -6.11 28.22
CA GLY B 75 -18.81 -7.40 27.53
C GLY B 75 -19.27 -7.35 26.06
N ASP B 76 -19.30 -6.16 25.44
CA ASP B 76 -19.85 -5.98 24.07
C ASP B 76 -18.79 -6.34 22.97
N PRO B 77 -18.92 -7.51 22.26
CA PRO B 77 -17.88 -7.86 21.24
C PRO B 77 -17.91 -6.87 20.07
N ASN B 78 -19.02 -6.15 19.94
CA ASN B 78 -19.14 -5.19 18.88
C ASN B 78 -18.18 -4.01 19.02
N GLN B 79 -17.53 -3.87 20.17
CA GLN B 79 -16.51 -2.85 20.32
C GLN B 79 -15.15 -3.26 19.74
N SER B 80 -15.04 -4.51 19.24
CA SER B 80 -13.72 -5.03 18.84
C SER B 80 -13.01 -4.15 17.81
N ALA B 81 -13.68 -3.81 16.72
CA ALA B 81 -13.04 -3.01 15.69
C ALA B 81 -12.57 -1.67 16.23
N MSE B 82 -13.43 -1.03 17.03
CA MSE B 82 -13.04 0.23 17.64
C MSE B 82 -11.80 0.10 18.53
O MSE B 82 -10.90 0.96 18.47
CB MSE B 82 -14.26 0.78 18.40
CG MSE B 82 -14.03 2.13 18.92
SE MSE B 82 -15.76 3.04 19.24
CE MSE B 82 -15.05 3.97 20.46
N VAL B 83 -11.76 -0.94 19.35
CA VAL B 83 -10.59 -1.17 20.18
C VAL B 83 -9.33 -1.31 19.32
N SER B 84 -9.42 -2.03 18.20
CA SER B 84 -8.24 -2.18 17.36
C SER B 84 -7.79 -0.81 16.83
N GLU B 85 -8.72 0.01 16.34
N GLU B 85 -8.74 0.00 16.34
CA GLU B 85 -8.33 1.30 15.80
CA GLU B 85 -8.44 1.30 15.78
C GLU B 85 -7.85 2.26 16.86
C GLU B 85 -7.88 2.25 16.83
N ILE B 86 -8.49 2.25 18.03
CA ILE B 86 -7.98 3.08 19.12
C ILE B 86 -6.52 2.71 19.41
N SER B 87 -6.25 1.41 19.51
CA SER B 87 -4.96 0.93 19.96
C SER B 87 -3.84 1.31 18.99
N ARG B 88 -4.17 1.35 17.68
CA ARG B 88 -3.21 1.77 16.69
C ARG B 88 -2.58 3.11 17.05
N GLN B 89 -3.42 4.09 17.42
CA GLN B 89 -2.94 5.44 17.71
C GLN B 89 -2.49 5.59 19.15
N VAL B 90 -3.10 4.86 20.08
CA VAL B 90 -2.76 5.07 21.50
C VAL B 90 -1.48 4.32 21.90
N GLN B 91 -1.22 3.13 21.32
CA GLN B 91 -0.02 2.34 21.65
C GLN B 91 0.09 2.12 23.17
N PRO B 92 -0.92 1.47 23.75
CA PRO B 92 -0.95 1.21 25.19
C PRO B 92 -0.08 -0.01 25.55
N GLN B 93 0.03 -0.31 26.85
CA GLN B 93 0.68 -1.54 27.30
C GLN B 93 -0.20 -2.78 27.09
N HIS B 94 -1.53 -2.61 26.99
CA HIS B 94 -2.41 -3.75 27.06
C HIS B 94 -3.70 -3.48 26.29
N VAL B 95 -4.17 -4.54 25.59
CA VAL B 95 -5.38 -4.47 24.83
C VAL B 95 -6.26 -5.71 25.13
N ASN B 96 -7.52 -5.48 25.45
CA ASN B 96 -8.50 -6.56 25.57
C ASN B 96 -9.15 -6.81 24.21
N GLN B 97 -9.14 -8.06 23.72
CA GLN B 97 -9.82 -8.40 22.50
C GLN B 97 -10.68 -9.62 22.64
N VAL B 98 -11.65 -9.71 21.73
CA VAL B 98 -12.38 -10.95 21.49
C VAL B 98 -11.55 -11.85 20.57
N PHE B 99 -11.89 -13.14 20.48
CA PHE B 99 -11.04 -14.08 19.77
C PHE B 99 -10.74 -13.61 18.35
N THR B 100 -11.75 -13.04 17.70
CA THR B 100 -11.67 -12.65 16.31
C THR B 100 -11.07 -11.26 16.08
N GLY B 101 -10.60 -10.59 17.13
CA GLY B 101 -10.00 -9.26 17.05
C GLY B 101 -8.53 -9.21 17.39
N VAL B 102 -7.94 -10.31 17.90
CA VAL B 102 -6.57 -10.32 18.36
C VAL B 102 -5.61 -9.97 17.23
N ALA B 103 -5.70 -10.68 16.10
CA ALA B 103 -4.79 -10.44 14.99
C ALA B 103 -4.97 -9.04 14.41
N THR B 104 -6.20 -8.53 14.33
CA THR B 104 -6.42 -7.17 13.85
C THR B 104 -5.71 -6.17 14.76
N SER B 105 -5.89 -6.32 16.07
CA SER B 105 -5.21 -5.40 16.99
C SER B 105 -3.69 -5.53 16.86
N ARG B 106 -3.16 -6.76 16.77
CA ARG B 106 -1.70 -6.90 16.64
C ARG B 106 -1.21 -6.21 15.38
N ALA B 107 -1.92 -6.39 14.27
CA ALA B 107 -1.54 -5.79 13.00
C ALA B 107 -1.57 -4.27 13.07
N LEU B 108 -2.62 -3.72 13.65
N LEU B 108 -2.62 -3.70 13.66
CA LEU B 108 -2.74 -2.25 13.74
CA LEU B 108 -2.72 -2.24 13.71
C LEU B 108 -1.76 -1.63 14.73
C LEU B 108 -1.74 -1.63 14.73
N LEU B 109 -1.42 -2.36 15.81
CA LEU B 109 -0.36 -1.93 16.72
C LEU B 109 0.98 -1.79 16.03
N GLY B 110 1.29 -2.77 15.19
CA GLY B 110 2.56 -2.78 14.44
C GLY B 110 3.76 -3.26 15.23
N GLN B 111 3.58 -3.71 16.45
CA GLN B 111 4.72 -4.20 17.25
C GLN B 111 4.19 -5.29 18.19
N ASN B 112 5.15 -6.03 18.74
CA ASN B 112 4.88 -7.22 19.51
C ASN B 112 4.97 -7.05 21.02
N GLU B 113 5.29 -5.84 21.46
N GLU B 113 5.29 -5.84 21.49
CA GLU B 113 5.49 -5.54 22.86
CA GLU B 113 5.45 -5.58 22.93
C GLU B 113 4.17 -5.45 23.63
C GLU B 113 4.13 -5.46 23.66
N THR B 114 3.20 -4.68 23.12
CA THR B 114 1.90 -4.57 23.77
C THR B 114 1.27 -5.93 23.97
N VAL B 115 0.73 -6.14 25.17
CA VAL B 115 0.07 -7.41 25.47
C VAL B 115 -1.36 -7.38 24.95
N VAL B 116 -1.72 -8.38 24.12
CA VAL B 116 -3.06 -8.46 23.55
C VAL B 116 -3.70 -9.74 24.02
N ASN B 117 -4.77 -9.65 24.82
CA ASN B 117 -5.46 -10.86 25.23
C ASN B 117 -6.53 -11.28 24.21
N GLY B 118 -7.01 -12.51 24.36
CA GLY B 118 -8.11 -13.02 23.55
C GLY B 118 -9.12 -13.71 24.45
N LEU B 119 -10.37 -13.28 24.36
CA LEU B 119 -11.44 -13.78 25.21
CA LEU B 119 -11.42 -13.79 25.24
C LEU B 119 -11.87 -15.19 24.81
N VAL B 120 -11.76 -16.14 25.73
CA VAL B 120 -12.34 -17.48 25.57
C VAL B 120 -13.08 -17.81 26.85
N SER B 121 -14.05 -18.72 26.76
CA SER B 121 -14.99 -18.87 27.85
C SER B 121 -15.13 -20.30 28.33
N PRO B 122 -15.54 -20.47 29.58
CA PRO B 122 -15.83 -21.84 30.06
C PRO B 122 -16.98 -22.47 29.32
N THR B 123 -17.02 -23.78 29.35
CA THR B 123 -18.01 -24.59 28.63
C THR B 123 -18.77 -25.55 29.55
N GLY B 124 -18.30 -25.73 30.78
CA GLY B 124 -18.81 -26.77 31.66
C GLY B 124 -17.99 -28.07 31.58
N THR B 125 -17.00 -28.11 30.68
CA THR B 125 -16.17 -29.29 30.47
C THR B 125 -14.71 -28.88 30.61
N PRO B 126 -14.08 -29.27 31.74
CA PRO B 126 -12.66 -28.92 31.88
C PRO B 126 -11.86 -29.39 30.68
N GLY B 127 -10.99 -28.51 30.20
CA GLY B 127 -10.16 -28.81 29.06
C GLY B 127 -10.65 -28.25 27.74
N MSE B 128 -11.91 -27.83 27.68
CA MSE B 128 -12.51 -27.32 26.43
C MSE B 128 -12.98 -25.89 26.65
O MSE B 128 -13.64 -25.63 27.69
CB MSE B 128 -13.74 -28.19 26.06
CG MSE B 128 -13.42 -29.67 25.86
SE MSE B 128 -12.12 -30.09 24.47
CE MSE B 128 -13.12 -29.52 22.92
N VAL B 129 -12.68 -24.99 25.71
CA VAL B 129 -13.11 -23.59 25.86
C VAL B 129 -13.82 -23.11 24.62
N LYS B 130 -14.73 -22.17 24.83
N LYS B 130 -14.75 -22.19 24.83
CA LYS B 130 -15.47 -21.54 23.75
CA LYS B 130 -15.48 -21.57 23.75
C LYS B 130 -14.67 -20.38 23.14
C LYS B 130 -14.66 -20.42 23.17
N ILE B 131 -14.43 -20.44 21.82
N ILE B 131 -14.49 -20.44 21.85
CA ILE B 131 -13.65 -19.41 21.11
CA ILE B 131 -13.68 -19.42 21.19
C ILE B 131 -14.53 -18.51 20.25
C ILE B 131 -14.52 -18.55 20.23
N SER B 132 -15.83 -18.79 20.17
CA SER B 132 -16.75 -18.03 19.32
C SER B 132 -17.25 -16.79 20.04
N THR B 133 -16.31 -15.87 20.27
CA THR B 133 -16.58 -14.74 21.14
C THR B 133 -16.58 -13.37 20.40
N GLY B 134 -16.57 -13.41 19.08
CA GLY B 134 -16.60 -12.20 18.28
C GLY B 134 -18.00 -11.71 17.98
N PRO B 135 -18.11 -10.62 17.21
CA PRO B 135 -19.40 -9.97 16.99
C PRO B 135 -20.46 -10.92 16.46
N LEU B 136 -20.24 -11.56 15.31
CA LEU B 136 -21.19 -12.49 14.73
C LEU B 136 -21.01 -13.88 15.33
N SER B 137 -19.78 -14.27 15.63
CA SER B 137 -19.56 -15.62 16.11
C SER B 137 -20.20 -15.84 17.46
N SER B 138 -20.32 -14.79 18.28
N SER B 138 -20.34 -14.79 18.28
CA SER B 138 -21.01 -14.95 19.56
CA SER B 138 -21.06 -14.86 19.55
C SER B 138 -22.50 -15.26 19.41
C SER B 138 -22.52 -15.25 19.40
N GLY B 139 -23.10 -15.00 18.22
CA GLY B 139 -24.49 -15.33 17.95
C GLY B 139 -24.69 -16.63 17.24
N ALA B 140 -23.61 -17.30 16.89
CA ALA B 140 -23.69 -18.60 16.24
C ALA B 140 -23.66 -19.71 17.28
N ALA B 141 -23.88 -20.95 16.84
CA ALA B 141 -23.63 -22.12 17.68
C ALA B 141 -22.21 -22.00 18.28
N ASP B 142 -22.03 -22.45 19.51
CA ASP B 142 -20.72 -22.36 20.12
C ASP B 142 -19.66 -23.12 19.33
N GLY B 143 -18.50 -22.50 19.21
CA GLY B 143 -17.31 -23.13 18.70
C GLY B 143 -16.36 -23.40 19.84
N ILE B 144 -16.15 -24.68 20.12
CA ILE B 144 -15.49 -25.14 21.34
C ILE B 144 -14.32 -26.04 20.94
N VAL B 145 -13.14 -25.71 21.48
CA VAL B 145 -11.91 -26.40 21.10
C VAL B 145 -11.08 -26.75 22.35
N PRO B 146 -10.11 -27.67 22.22
CA PRO B 146 -9.27 -27.95 23.36
C PRO B 146 -8.40 -26.76 23.72
N LEU B 147 -8.06 -26.65 25.01
CA LEU B 147 -7.20 -25.54 25.44
C LEU B 147 -5.89 -25.40 24.68
N GLU B 148 -5.23 -26.53 24.42
N GLU B 148 -5.20 -26.51 24.43
CA GLU B 148 -3.99 -26.50 23.63
CA GLU B 148 -3.94 -26.41 23.68
C GLU B 148 -4.20 -25.75 22.34
C GLU B 148 -4.18 -25.74 22.32
N THR B 149 -5.33 -26.05 21.71
CA THR B 149 -5.65 -25.55 20.38
C THR B 149 -6.03 -24.07 20.45
N ALA B 150 -6.77 -23.68 21.48
CA ALA B 150 -7.09 -22.27 21.67
C ALA B 150 -5.81 -21.45 21.83
N ILE B 151 -4.88 -21.98 22.63
CA ILE B 151 -3.59 -21.29 22.84
C ILE B 151 -2.82 -21.17 21.54
N ALA B 152 -2.74 -22.27 20.76
CA ALA B 152 -1.97 -22.20 19.52
C ALA B 152 -2.62 -21.24 18.53
N LEU B 153 -3.96 -21.28 18.44
CA LEU B 153 -4.71 -20.34 17.59
C LEU B 153 -4.39 -18.90 17.95
N LEU B 154 -4.48 -18.60 19.24
CA LEU B 154 -4.18 -17.23 19.72
C LEU B 154 -2.73 -16.84 19.42
N LYS B 155 -1.77 -17.75 19.64
CA LYS B 155 -0.38 -17.43 19.29
C LYS B 155 -0.23 -17.14 17.80
N ASP B 156 -0.86 -17.96 16.97
CA ASP B 156 -0.78 -17.79 15.52
C ASP B 156 -1.38 -16.44 15.11
N MSE B 157 -2.28 -15.89 15.92
CA MSE B 157 -2.95 -14.64 15.62
C MSE B 157 -2.35 -13.44 16.37
O MSE B 157 -2.96 -12.39 16.43
CB MSE B 157 -4.46 -14.78 15.91
CG MSE B 157 -5.07 -15.82 14.98
SE MSE B 157 -7.03 -15.92 15.10
CE MSE B 157 -7.19 -16.12 17.03
N GLY B 158 -1.14 -13.60 16.91
CA GLY B 158 -0.45 -12.49 17.51
C GLY B 158 -0.84 -12.20 18.94
N GLY B 159 -1.54 -13.15 19.58
CA GLY B 159 -1.99 -12.93 20.95
C GLY B 159 -0.92 -13.26 21.97
N SER B 160 -1.07 -12.65 23.13
CA SER B 160 -0.16 -12.82 24.24
C SER B 160 -0.72 -13.68 25.36
N SER B 161 -2.03 -13.70 25.51
CA SER B 161 -2.63 -14.33 26.67
C SER B 161 -4.07 -14.71 26.38
N ILE B 162 -4.58 -15.61 27.21
CA ILE B 162 -6.02 -15.93 27.29
C ILE B 162 -6.64 -15.02 28.30
N LYS B 163 -7.74 -14.35 27.94
CA LYS B 163 -8.62 -13.76 28.95
C LYS B 163 -9.75 -14.74 29.16
N TYR B 164 -9.77 -15.34 30.35
CA TYR B 164 -10.70 -16.43 30.67
C TYR B 164 -11.87 -15.81 31.42
N PHE B 165 -13.02 -15.77 30.77
CA PHE B 165 -14.18 -15.02 31.25
C PHE B 165 -15.44 -15.66 30.72
N PRO B 166 -16.51 -15.76 31.54
CA PRO B 166 -16.60 -15.38 32.97
C PRO B 166 -16.16 -16.57 33.82
N MSE B 167 -15.16 -16.36 34.66
N MSE B 167 -15.14 -16.38 34.67
CA MSE B 167 -14.55 -17.47 35.39
CA MSE B 167 -14.56 -17.49 35.42
C MSE B 167 -15.44 -18.03 36.52
C MSE B 167 -15.48 -18.05 36.50
O MSE B 167 -15.35 -19.22 36.86
O MSE B 167 -15.41 -19.25 36.85
CB MSE B 167 -13.14 -17.09 35.85
CB MSE B 167 -13.22 -17.09 36.03
CG MSE B 167 -12.51 -18.01 36.87
CG MSE B 167 -12.81 -17.79 37.33
SE MSE B 167 -10.85 -17.29 37.52
SE MSE B 167 -11.03 -17.19 37.59
CE MSE B 167 -11.44 -15.63 38.20
CE MSE B 167 -10.97 -16.79 35.76
N GLY B 168 -16.34 -17.20 37.04
CA GLY B 168 -17.28 -17.60 38.09
C GLY B 168 -16.67 -17.70 39.48
N GLY B 169 -15.65 -16.88 39.73
CA GLY B 169 -14.99 -16.88 41.04
C GLY B 169 -14.36 -18.25 41.25
N LEU B 170 -14.87 -19.00 42.23
CA LEU B 170 -14.39 -20.39 42.49
C LEU B 170 -15.46 -21.44 42.28
N LYS B 171 -16.53 -21.06 41.59
CA LYS B 171 -17.62 -21.99 41.33
C LYS B 171 -17.26 -23.13 40.38
N HIS B 172 -16.26 -22.88 39.53
CA HIS B 172 -15.89 -23.84 38.49
C HIS B 172 -14.41 -24.02 38.55
N ARG B 173 -14.00 -24.53 39.69
CA ARG B 173 -12.61 -24.68 40.01
C ARG B 173 -11.92 -25.63 39.03
N ALA B 174 -12.53 -26.78 38.72
CA ALA B 174 -11.89 -27.75 37.82
C ALA B 174 -11.62 -27.14 36.44
N GLU B 175 -12.57 -26.39 35.88
CA GLU B 175 -12.32 -25.75 34.60
C GLU B 175 -11.18 -24.78 34.71
N PHE B 176 -11.14 -23.97 35.76
CA PHE B 176 -10.03 -23.00 35.90
C PHE B 176 -8.69 -23.69 36.09
N GLU B 177 -8.65 -24.77 36.90
CA GLU B 177 -7.42 -25.52 37.05
C GLU B 177 -6.91 -26.01 35.71
N ALA B 178 -7.83 -26.47 34.85
CA ALA B 178 -7.41 -27.00 33.53
C ALA B 178 -6.85 -25.86 32.66
N VAL B 179 -7.48 -24.68 32.73
CA VAL B 179 -6.97 -23.55 31.97
C VAL B 179 -5.56 -23.17 32.44
N ALA B 180 -5.33 -23.13 33.75
CA ALA B 180 -4.00 -22.79 34.26
C ALA B 180 -2.96 -23.86 33.86
N LYS B 181 -3.34 -25.14 33.96
CA LYS B 181 -2.45 -26.25 33.58
C LYS B 181 -2.06 -26.11 32.10
N ALA B 182 -3.01 -25.77 31.22
CA ALA B 182 -2.75 -25.71 29.80
C ALA B 182 -1.86 -24.49 29.50
N CYS B 183 -2.14 -23.35 30.14
CA CYS B 183 -1.30 -22.18 29.89
C CYS B 183 0.14 -22.44 30.31
N ALA B 184 0.32 -23.15 31.43
CA ALA B 184 1.69 -23.50 31.87
C ALA B 184 2.33 -24.49 30.90
N ALA B 185 1.57 -25.50 30.47
CA ALA B 185 2.12 -26.56 29.59
C ALA B 185 2.49 -26.04 28.21
N HIS B 186 1.77 -25.02 27.75
CA HIS B 186 1.92 -24.53 26.38
C HIS B 186 2.43 -23.11 26.34
N ASP B 187 3.15 -22.71 27.39
CA ASP B 187 3.92 -21.48 27.38
C ASP B 187 3.06 -20.27 26.97
N PHE B 188 1.96 -20.02 27.69
CA PHE B 188 1.08 -18.92 27.37
C PHE B 188 0.67 -18.23 28.66
N TRP B 189 0.25 -16.98 28.56
CA TRP B 189 -0.12 -16.19 29.73
C TRP B 189 -1.60 -16.22 29.95
N LEU B 190 -2.03 -15.85 31.17
CA LEU B 190 -3.43 -16.04 31.57
C LEU B 190 -3.94 -14.83 32.29
N GLU B 191 -5.18 -14.43 31.97
CA GLU B 191 -5.84 -13.29 32.56
C GLU B 191 -7.19 -13.77 33.13
N PRO B 192 -7.21 -14.24 34.38
CA PRO B 192 -8.44 -14.69 35.01
C PRO B 192 -9.36 -13.51 35.26
N THR B 193 -10.64 -13.66 34.88
CA THR B 193 -11.59 -12.57 35.04
C THR B 193 -12.96 -13.10 35.35
N GLY B 194 -13.61 -12.49 36.35
CA GLY B 194 -15.03 -12.70 36.65
C GLY B 194 -15.20 -13.29 38.03
N GLY B 195 -15.79 -12.49 38.94
CA GLY B 195 -16.09 -12.98 40.28
C GLY B 195 -14.91 -12.96 41.22
N ILE B 196 -13.79 -12.31 40.84
CA ILE B 196 -12.67 -12.17 41.78
C ILE B 196 -12.98 -11.07 42.81
N ASP B 197 -12.75 -11.36 44.08
CA ASP B 197 -12.93 -10.37 45.14
C ASP B 197 -11.81 -10.50 46.14
N LEU B 198 -11.84 -9.67 47.17
CA LEU B 198 -10.72 -9.68 48.11
C LEU B 198 -10.58 -10.99 48.87
N GLU B 199 -11.70 -11.69 49.05
CA GLU B 199 -11.72 -12.93 49.81
C GLU B 199 -11.32 -14.18 49.02
N ASN B 200 -11.45 -14.15 47.69
CA ASN B 200 -11.00 -15.31 46.91
C ASN B 200 -9.74 -15.05 46.07
N TYR B 201 -9.23 -13.82 46.09
CA TYR B 201 -8.10 -13.49 45.23
C TYR B 201 -6.89 -14.37 45.45
N SER B 202 -6.50 -14.55 46.71
CA SER B 202 -5.29 -15.34 46.98
C SER B 202 -5.42 -16.77 46.47
N GLU B 203 -6.56 -17.41 46.72
CA GLU B 203 -6.77 -18.78 46.29
C GLU B 203 -6.75 -18.90 44.76
N ILE B 204 -7.43 -17.97 44.07
CA ILE B 204 -7.46 -17.97 42.61
C ILE B 204 -6.04 -17.75 42.04
N LEU B 205 -5.32 -16.75 42.56
CA LEU B 205 -3.98 -16.46 42.06
C LEU B 205 -3.05 -17.65 42.30
N LYS B 206 -3.18 -18.26 43.48
CA LYS B 206 -2.30 -19.38 43.81
C LYS B 206 -2.53 -20.58 42.89
N ILE B 207 -3.76 -20.78 42.43
CA ILE B 207 -4.00 -21.86 41.44
C ILE B 207 -3.13 -21.63 40.20
N ALA B 208 -3.10 -20.40 39.69
CA ALA B 208 -2.31 -20.10 38.50
C ALA B 208 -0.82 -20.11 38.77
N LEU B 209 -0.42 -19.62 39.94
CA LEU B 209 1.00 -19.67 40.30
C LEU B 209 1.50 -21.11 40.46
N ASP B 210 0.72 -21.90 41.19
CA ASP B 210 1.10 -23.30 41.43
C ASP B 210 1.22 -24.10 40.12
N ALA B 211 0.33 -23.81 39.18
CA ALA B 211 0.36 -24.49 37.90
C ALA B 211 1.62 -24.20 37.11
N GLY B 212 2.25 -23.06 37.40
CA GLY B 212 3.45 -22.62 36.70
C GLY B 212 3.13 -21.70 35.54
N VAL B 213 2.00 -20.99 35.54
CA VAL B 213 1.76 -19.99 34.49
C VAL B 213 2.82 -18.88 34.63
N SER B 214 3.46 -18.52 33.54
N SER B 214 3.51 -18.53 33.56
N SER B 214 3.49 -18.52 33.55
CA SER B 214 4.62 -17.62 33.63
CA SER B 214 4.67 -17.63 33.73
CA SER B 214 4.65 -17.62 33.65
C SER B 214 4.23 -16.23 34.07
C SER B 214 4.31 -16.17 34.02
C SER B 214 4.31 -16.18 33.98
N LYS B 215 3.24 -15.69 33.38
CA LYS B 215 2.74 -14.33 33.66
C LYS B 215 1.23 -14.38 33.74
N ILE B 216 0.69 -13.66 34.74
CA ILE B 216 -0.71 -13.71 35.08
C ILE B 216 -1.20 -12.26 35.27
N ILE B 217 -2.35 -11.94 34.66
CA ILE B 217 -3.00 -10.62 34.82
C ILE B 217 -4.43 -10.82 35.31
N PRO B 218 -4.60 -10.86 36.65
CA PRO B 218 -5.96 -10.97 37.17
C PRO B 218 -6.71 -9.68 36.94
N HIS B 219 -7.97 -9.80 36.54
CA HIS B 219 -8.84 -8.62 36.39
C HIS B 219 -9.83 -8.60 37.54
N ILE B 220 -9.91 -7.47 38.23
CA ILE B 220 -10.79 -7.35 39.41
C ILE B 220 -11.61 -6.10 39.21
N TYR B 221 -12.90 -6.27 38.87
CA TYR B 221 -13.75 -5.14 38.49
C TYR B 221 -14.75 -4.85 39.60
N SER B 222 -15.99 -5.36 39.50
CA SER B 222 -17.08 -4.88 40.36
C SER B 222 -16.84 -5.02 41.85
N SER B 223 -16.10 -6.05 42.30
CA SER B 223 -15.97 -6.21 43.76
C SER B 223 -15.20 -5.09 44.44
N ILE B 224 -14.40 -4.33 43.69
CA ILE B 224 -13.57 -3.27 44.25
C ILE B 224 -13.96 -1.87 43.80
N ILE B 225 -15.11 -1.75 43.16
CA ILE B 225 -15.62 -0.46 42.67
C ILE B 225 -16.65 0.09 43.63
N ASP B 226 -16.43 1.35 44.07
CA ASP B 226 -17.38 2.04 44.95
C ASP B 226 -18.52 2.46 44.06
N LYS B 227 -19.71 1.92 44.30
CA LYS B 227 -20.82 2.17 43.38
C LYS B 227 -21.28 3.64 43.41
N ALA B 228 -21.05 4.30 44.54
CA ALA B 228 -21.42 5.72 44.69
C ALA B 228 -20.66 6.64 43.72
N SER B 229 -19.37 6.37 43.51
CA SER B 229 -18.55 7.20 42.63
C SER B 229 -18.17 6.56 41.29
N GLY B 230 -18.26 5.23 41.20
CA GLY B 230 -17.77 4.52 40.01
C GLY B 230 -16.26 4.29 40.04
N ASN B 231 -15.59 4.74 41.11
CA ASN B 231 -14.14 4.55 41.19
C ASN B 231 -13.71 3.23 41.80
N THR B 232 -12.56 2.73 41.36
CA THR B 232 -11.94 1.59 42.04
C THR B 232 -11.27 2.10 43.32
N ARG B 233 -11.51 1.40 44.41
CA ARG B 233 -11.09 1.85 45.71
C ARG B 233 -9.60 1.68 45.91
N PRO B 234 -8.86 2.79 46.15
CA PRO B 234 -7.41 2.61 46.33
C PRO B 234 -7.01 1.62 47.43
N ALA B 235 -7.70 1.62 48.56
CA ALA B 235 -7.35 0.70 49.63
C ALA B 235 -7.42 -0.75 49.17
N ASP B 236 -8.40 -1.06 48.32
CA ASP B 236 -8.55 -2.42 47.81
C ASP B 236 -7.43 -2.79 46.86
N VAL B 237 -6.98 -1.81 46.06
CA VAL B 237 -5.81 -2.01 45.19
C VAL B 237 -4.57 -2.31 46.02
N ARG B 238 -4.35 -1.53 47.08
CA ARG B 238 -3.21 -1.82 47.96
C ARG B 238 -3.31 -3.24 48.55
N GLN B 239 -4.52 -3.66 48.93
CA GLN B 239 -4.69 -5.00 49.49
C GLN B 239 -4.39 -6.08 48.47
N LEU B 240 -4.85 -5.89 47.24
CA LEU B 240 -4.54 -6.83 46.18
C LEU B 240 -3.04 -6.90 45.93
N LEU B 241 -2.35 -5.75 45.95
CA LEU B 241 -0.90 -5.77 45.78
C LEU B 241 -0.23 -6.58 46.90
N GLU B 242 -0.63 -6.35 48.14
N GLU B 242 -0.65 -6.32 48.14
CA GLU B 242 0.04 -7.05 49.24
CA GLU B 242 -0.09 -7.02 49.31
C GLU B 242 -0.25 -8.56 49.20
C GLU B 242 -0.29 -8.54 49.22
N MSE B 243 -1.49 -8.95 48.82
CA MSE B 243 -1.78 -10.39 48.69
C MSE B 243 -0.91 -11.01 47.58
O MSE B 243 -0.45 -12.15 47.67
CB MSE B 243 -3.27 -10.63 48.42
CG MSE B 243 -4.14 -10.35 49.61
SE MSE B 243 -5.97 -10.79 49.36
CE MSE B 243 -6.44 -9.44 48.18
N THR B 244 -0.68 -10.22 46.53
CA THR B 244 0.21 -10.65 45.44
C THR B 244 1.66 -10.84 45.93
N LYS B 245 2.20 -9.87 46.68
CA LYS B 245 3.57 -9.96 47.19
C LYS B 245 3.73 -11.16 48.11
N GLN B 246 2.68 -11.47 48.88
CA GLN B 246 2.76 -12.59 49.80
C GLN B 246 2.85 -13.92 49.06
N LEU B 247 2.29 -13.98 47.85
CA LEU B 247 2.29 -15.22 47.07
C LEU B 247 3.45 -15.35 46.08
N VAL B 248 4.04 -14.22 45.71
CA VAL B 248 5.08 -14.20 44.67
C VAL B 248 6.39 -13.80 45.37
N LYS B 249 7.29 -14.73 45.62
CA LYS B 249 8.33 -14.46 46.64
C LYS B 249 9.74 -14.86 46.26
N ASN C 2 -11.11 2.33 9.07
CA ASN C 2 -10.71 3.56 8.33
C ASN C 2 -9.19 3.83 8.48
N ALA C 3 -8.52 4.15 7.37
CA ALA C 3 -7.11 4.59 7.44
C ALA C 3 -6.99 5.93 8.13
N MSE C 4 -5.78 6.25 8.56
CA MSE C 4 -5.53 7.53 9.19
C MSE C 4 -5.63 8.68 8.18
O MSE C 4 -5.56 8.49 6.97
CB MSE C 4 -4.19 7.48 9.89
CG MSE C 4 -4.15 6.41 11.00
SE MSE C 4 -2.63 6.68 12.19
CE MSE C 4 -1.26 6.14 10.97
N LYS C 5 -5.77 9.89 8.69
CA LYS C 5 -5.91 11.10 7.84
C LYS C 5 -4.68 11.34 6.97
N LEU C 6 -4.91 11.66 5.69
CA LEU C 6 -3.81 11.81 4.73
C LEU C 6 -3.49 13.24 4.35
N THR C 7 -4.24 14.20 4.90
CA THR C 7 -3.97 15.62 4.59
C THR C 7 -3.48 16.32 5.88
N PRO C 8 -2.67 17.39 5.73
CA PRO C 8 -2.18 18.11 6.92
C PRO C 8 -3.29 18.83 7.68
N ASN C 9 -3.04 19.12 8.94
N ASN C 9 -2.99 19.13 8.93
CA ASN C 9 -3.98 19.91 9.76
CA ASN C 9 -3.84 19.96 9.76
C ASN C 9 -3.58 21.39 9.77
C ASN C 9 -3.40 21.40 9.69
N PHE C 10 -3.96 22.13 8.73
CA PHE C 10 -3.63 23.55 8.60
C PHE C 10 -4.35 24.38 9.65
N TYR C 11 -3.66 25.35 10.24
CA TYR C 11 -4.28 26.32 11.14
C TYR C 11 -5.07 27.30 10.31
N ARG C 12 -6.37 27.39 10.65
CA ARG C 12 -7.36 28.21 9.93
C ARG C 12 -7.26 28.00 8.42
N ASP C 13 -7.04 26.75 8.01
CA ASP C 13 -6.98 26.41 6.60
C ASP C 13 -5.89 27.18 5.86
N ARG C 14 -4.81 27.59 6.55
CA ARG C 14 -3.86 28.50 5.93
C ARG C 14 -2.40 28.07 6.15
N VAL C 15 -1.99 27.70 7.37
CA VAL C 15 -0.57 27.49 7.66
C VAL C 15 -0.37 26.21 8.47
N CYS C 16 0.60 25.39 8.09
CA CYS C 16 0.96 24.20 8.89
C CYS C 16 2.48 24.23 9.02
N LEU C 17 2.97 24.14 10.26
CA LEU C 17 4.41 24.12 10.49
C LEU C 17 5.05 22.83 9.97
N ASN C 18 6.33 22.86 9.61
CA ASN C 18 7.05 21.63 9.33
C ASN C 18 8.40 21.74 10.06
N VAL C 19 8.60 20.83 11.01
CA VAL C 19 9.81 20.85 11.84
C VAL C 19 10.24 19.40 12.00
N LEU C 20 11.51 19.17 12.32
CA LEU C 20 12.05 17.81 12.40
C LEU C 20 11.98 17.20 13.79
N ALA C 21 11.64 15.93 13.88
CA ALA C 21 11.75 15.22 15.16
C ALA C 21 13.10 14.58 15.34
N GLY C 22 13.61 14.65 16.55
CA GLY C 22 14.84 13.99 16.89
C GLY C 22 14.69 12.62 17.56
N SER C 23 13.46 12.23 17.88
CA SER C 23 13.11 11.02 18.62
C SER C 23 11.61 10.86 18.56
N LYS C 24 11.13 9.67 18.97
CA LYS C 24 9.71 9.42 19.05
C LYS C 24 9.06 10.32 20.11
N ASP C 25 9.69 10.45 21.28
CA ASP C 25 9.14 11.37 22.28
C ASP C 25 9.11 12.82 21.80
N ASN C 26 10.17 13.24 21.09
CA ASN C 26 10.20 14.60 20.55
C ASN C 26 9.05 14.79 19.57
N ALA C 27 8.76 13.79 18.70
CA ALA C 27 7.63 13.91 17.79
C ALA C 27 6.33 14.17 18.58
N ARG C 28 6.12 13.40 19.65
CA ARG C 28 4.92 13.57 20.48
C ARG C 28 4.85 14.96 21.09
N GLU C 29 5.99 15.45 21.63
CA GLU C 29 6.03 16.77 22.22
C GLU C 29 5.81 17.89 21.21
N ILE C 30 6.40 17.73 20.01
CA ILE C 30 6.19 18.69 18.92
C ILE C 30 4.71 18.77 18.57
N TYR C 31 4.10 17.61 18.38
CA TYR C 31 2.68 17.55 18.00
C TYR C 31 1.76 18.23 19.03
N ASP C 32 2.07 18.03 20.31
CA ASP C 32 1.36 18.74 21.37
CA ASP C 32 1.35 18.71 21.38
C ASP C 32 1.60 20.23 21.33
N ALA C 33 2.87 20.64 21.18
CA ALA C 33 3.25 22.06 21.17
C ALA C 33 2.60 22.86 20.05
N ALA C 34 2.43 22.21 18.89
CA ALA C 34 1.81 22.86 17.75
C ALA C 34 0.29 22.73 17.72
N GLU C 35 -0.29 22.11 18.76
CA GLU C 35 -1.72 21.88 18.83
C GLU C 35 -2.20 21.14 17.58
N GLY C 36 -1.35 20.26 17.06
CA GLY C 36 -1.67 19.46 15.87
C GLY C 36 -1.39 20.11 14.54
N HIS C 37 -1.06 21.39 14.52
CA HIS C 37 -0.88 22.12 13.28
C HIS C 37 0.56 22.04 12.78
N VAL C 38 1.03 20.79 12.59
CA VAL C 38 2.40 20.55 12.24
C VAL C 38 2.46 19.28 11.41
N LEU C 39 3.52 19.22 10.63
CA LEU C 39 4.00 18.04 9.94
C LEU C 39 5.40 17.75 10.51
N VAL C 40 5.55 16.60 11.15
CA VAL C 40 6.77 16.26 11.85
C VAL C 40 7.66 15.50 10.89
N GLY C 41 8.83 16.06 10.61
CA GLY C 41 9.71 15.46 9.64
C GLY C 41 10.60 14.37 10.21
N VAL C 42 10.70 13.27 9.47
CA VAL C 42 11.64 12.20 9.79
C VAL C 42 12.40 11.95 8.50
N LEU C 43 13.72 11.96 8.62
CA LEU C 43 14.59 11.95 7.44
C LEU C 43 14.93 10.56 6.99
N SER C 44 14.72 10.29 5.70
CA SER C 44 15.08 8.99 5.15
C SER C 44 16.54 8.67 5.35
N LYS C 45 17.39 9.71 5.38
CA LYS C 45 18.81 9.53 5.46
C LYS C 45 19.23 8.98 6.80
N ASN C 46 18.36 8.97 7.80
N ASN C 46 18.33 9.06 7.82
CA ASN C 46 18.74 8.39 9.06
CA ASN C 46 18.48 8.48 9.18
C ASN C 46 18.46 6.91 9.17
C ASN C 46 18.55 6.93 9.14
N TYR C 47 18.14 6.30 8.02
CA TYR C 47 17.96 4.84 7.93
C TYR C 47 18.78 4.30 6.78
N PRO C 48 19.28 3.09 6.96
CA PRO C 48 20.13 2.50 5.94
C PRO C 48 19.39 1.96 4.73
N ASP C 49 18.09 1.67 4.86
CA ASP C 49 17.37 0.96 3.82
C ASP C 49 15.86 1.24 3.97
N VAL C 50 15.12 0.98 2.88
CA VAL C 50 13.71 1.33 2.82
C VAL C 50 12.90 0.65 3.91
N ALA C 51 13.04 -0.67 4.06
CA ALA C 51 12.21 -1.32 5.09
C ALA C 51 12.44 -0.77 6.49
N SER C 52 13.71 -0.51 6.82
N SER C 52 13.70 -0.51 6.84
CA SER C 52 14.04 0.05 8.12
CA SER C 52 13.96 0.01 8.19
C SER C 52 13.29 1.34 8.35
C SER C 52 13.30 1.39 8.39
N ALA C 53 13.35 2.23 7.35
CA ALA C 53 12.62 3.50 7.41
C ALA C 53 11.11 3.32 7.50
N VAL C 54 10.55 2.43 6.68
CA VAL C 54 9.12 2.22 6.70
C VAL C 54 8.63 1.76 8.06
N VAL C 55 9.33 0.79 8.64
CA VAL C 55 8.90 0.28 9.93
C VAL C 55 8.94 1.39 10.97
N ASP C 56 10.00 2.16 11.02
CA ASP C 56 10.10 3.16 12.07
C ASP C 56 9.14 4.32 11.83
N MSE C 57 9.04 4.76 10.58
CA MSE C 57 8.16 5.89 10.27
C MSE C 57 6.69 5.54 10.46
O MSE C 57 5.93 6.43 10.83
CB MSE C 57 8.41 6.43 8.86
CG MSE C 57 9.74 7.15 8.77
SE MSE C 57 9.93 8.00 7.06
CE MSE C 57 11.80 8.37 7.00
N ARG C 58 6.28 4.28 10.26
CA ARG C 58 4.90 3.94 10.56
C ARG C 58 4.60 4.14 12.04
N ASP C 59 5.58 3.81 12.90
CA ASP C 59 5.37 4.00 14.32
C ASP C 59 5.33 5.49 14.70
N TYR C 60 6.28 6.28 14.18
CA TYR C 60 6.18 7.75 14.34
C TYR C 60 4.75 8.20 13.98
N ALA C 61 4.31 7.81 12.79
CA ALA C 61 3.03 8.30 12.26
C ALA C 61 1.87 7.96 13.19
N LYS C 62 1.84 6.74 13.71
CA LYS C 62 0.73 6.36 14.59
C LYS C 62 0.66 7.22 15.84
N LEU C 63 1.83 7.59 16.37
CA LEU C 63 1.89 8.38 17.59
C LEU C 63 1.39 9.80 17.41
N ILE C 64 1.43 10.30 16.19
CA ILE C 64 1.08 11.69 15.92
C ILE C 64 -0.04 11.79 14.85
N ASP C 65 -0.89 10.77 14.82
CA ASP C 65 -2.14 10.81 14.02
C ASP C 65 -1.82 11.05 12.55
N ASN C 66 -0.69 10.50 12.10
CA ASN C 66 -0.26 10.55 10.71
C ASN C 66 0.31 11.87 10.24
N ALA C 67 0.59 12.79 11.18
CA ALA C 67 1.14 14.11 10.85
C ALA C 67 2.65 14.01 10.60
N LEU C 68 3.01 13.13 9.67
CA LEU C 68 4.38 12.83 9.32
C LEU C 68 4.74 13.42 7.96
N SER C 69 5.96 13.96 7.90
CA SER C 69 6.57 14.44 6.65
C SER C 69 7.81 13.60 6.37
N VAL C 70 7.82 12.88 5.25
CA VAL C 70 8.96 12.04 4.91
C VAL C 70 10.02 12.95 4.27
N GLY C 71 11.23 12.95 4.85
CA GLY C 71 12.27 13.85 4.38
C GLY C 71 13.30 13.18 3.50
N LEU C 72 13.87 13.94 2.56
CA LEU C 72 15.05 13.51 1.81
C LEU C 72 16.23 13.51 2.78
N GLY C 73 16.40 14.67 3.45
CA GLY C 73 17.58 14.98 4.28
C GLY C 73 18.27 16.10 3.53
N ALA C 74 18.00 17.34 3.95
CA ALA C 74 18.64 18.52 3.36
C ALA C 74 18.43 18.61 1.85
N GLY C 75 17.25 18.19 1.42
CA GLY C 75 16.89 18.19 0.00
C GLY C 75 17.74 17.31 -0.94
N ASP C 76 18.41 16.31 -0.37
CA ASP C 76 19.37 15.48 -1.15
C ASP C 76 18.66 14.71 -2.25
N PRO C 77 18.98 14.98 -3.52
CA PRO C 77 18.28 14.28 -4.60
C PRO C 77 18.61 12.80 -4.65
N ASN C 78 19.75 12.36 -4.11
CA ASN C 78 20.08 10.92 -4.08
C ASN C 78 19.15 10.09 -3.19
N GLN C 79 18.34 10.76 -2.36
CA GLN C 79 17.38 10.09 -1.51
C GLN C 79 16.01 10.04 -2.20
N SER C 80 15.86 10.58 -3.41
CA SER C 80 14.52 10.75 -3.99
C SER C 80 13.82 9.41 -4.20
N ALA C 81 14.49 8.45 -4.84
CA ALA C 81 13.86 7.16 -5.09
C ALA C 81 13.44 6.48 -3.78
N MSE C 82 14.33 6.52 -2.80
CA MSE C 82 14.03 5.94 -1.49
C MSE C 82 12.81 6.60 -0.86
O MSE C 82 11.92 5.92 -0.35
CB MSE C 82 15.25 6.05 -0.59
CG MSE C 82 15.10 5.32 0.73
SE MSE C 82 16.59 5.69 1.87
CE MSE C 82 16.20 4.50 3.30
N VAL C 83 12.74 7.93 -0.92
CA VAL C 83 11.59 8.61 -0.36
C VAL C 83 10.31 8.21 -1.08
N SER C 84 10.35 8.04 -2.39
CA SER C 84 9.16 7.63 -3.12
C SER C 84 8.67 6.24 -2.65
N GLU C 85 9.58 5.29 -2.48
N GLU C 85 9.60 5.28 -2.50
CA GLU C 85 9.15 3.96 -2.06
CA GLU C 85 9.27 3.92 -2.04
C GLU C 85 8.75 3.92 -0.57
C GLU C 85 8.78 3.91 -0.58
N ILE C 86 9.47 4.66 0.29
CA ILE C 86 9.08 4.74 1.68
C ILE C 86 7.64 5.29 1.75
N SER C 87 7.38 6.39 1.02
CA SER C 87 6.08 7.05 1.11
C SER C 87 4.93 6.18 0.62
N ARG C 88 5.19 5.42 -0.45
CA ARG C 88 4.21 4.46 -0.96
C ARG C 88 3.77 3.53 0.17
N GLN C 89 4.73 3.00 0.94
CA GLN C 89 4.40 2.03 1.98
C GLN C 89 3.87 2.69 3.25
N VAL C 90 4.36 3.88 3.60
CA VAL C 90 3.95 4.53 4.84
C VAL C 90 2.62 5.27 4.74
N GLN C 91 2.36 5.94 3.61
CA GLN C 91 1.13 6.73 3.41
C GLN C 91 1.06 7.87 4.43
N PRO C 92 2.05 8.79 4.39
CA PRO C 92 2.09 9.92 5.33
C PRO C 92 1.17 11.06 4.85
N GLN C 93 1.09 12.13 5.64
CA GLN C 93 0.44 13.37 5.19
C GLN C 93 1.28 14.20 4.24
N HIS C 94 2.61 14.02 4.23
CA HIS C 94 3.46 14.94 3.50
C HIS C 94 4.74 14.24 3.04
N VAL C 95 5.19 14.62 1.84
CA VAL C 95 6.41 14.07 1.25
C VAL C 95 7.24 15.24 0.69
N ASN C 96 8.52 15.23 1.01
CA ASN C 96 9.49 16.12 0.39
C ASN C 96 10.09 15.46 -0.85
N GLN C 97 10.06 16.18 -1.99
CA GLN C 97 10.68 15.68 -3.20
C GLN C 97 11.51 16.70 -3.91
N VAL C 98 12.45 16.21 -4.72
CA VAL C 98 13.10 17.04 -5.71
C VAL C 98 12.26 17.09 -6.99
N PHE C 99 12.60 17.99 -7.91
CA PHE C 99 11.70 18.27 -9.03
C PHE C 99 11.39 16.98 -9.78
N THR C 100 12.41 16.13 -9.96
CA THR C 100 12.29 14.92 -10.76
C THR C 100 11.71 13.72 -10.03
N GLY C 101 11.29 13.90 -8.77
CA GLY C 101 10.69 12.82 -7.97
C GLY C 101 9.25 13.03 -7.62
N VAL C 102 8.68 14.20 -7.94
CA VAL C 102 7.31 14.54 -7.54
C VAL C 102 6.31 13.54 -8.16
N ALA C 103 6.42 13.34 -9.47
CA ALA C 103 5.47 12.45 -10.16
C ALA C 103 5.62 11.01 -9.69
N THR C 104 6.84 10.56 -9.49
CA THR C 104 7.07 9.20 -9.00
C THR C 104 6.43 9.01 -7.64
N SER C 105 6.63 9.96 -6.75
CA SER C 105 5.99 9.85 -5.43
C SER C 105 4.47 9.87 -5.55
N ARG C 106 3.91 10.78 -6.36
CA ARG C 106 2.46 10.81 -6.51
C ARG C 106 1.93 9.48 -7.04
N ALA C 107 2.59 8.95 -8.06
CA ALA C 107 2.13 7.72 -8.69
C ALA C 107 2.18 6.57 -7.68
N LEU C 108 3.25 6.47 -6.92
CA LEU C 108 3.38 5.35 -5.98
C LEU C 108 2.52 5.53 -4.75
N LEU C 109 2.21 6.78 -4.35
CA LEU C 109 1.26 7.01 -3.26
C LEU C 109 -0.11 6.45 -3.63
N GLY C 110 -0.50 6.58 -4.90
CA GLY C 110 -1.78 6.05 -5.36
C GLY C 110 -2.98 6.85 -4.95
N GLN C 111 -2.79 8.06 -4.44
CA GLN C 111 -3.91 8.94 -4.08
C GLN C 111 -3.39 10.36 -4.15
N ASN C 112 -4.34 11.30 -4.12
CA ASN C 112 -4.09 12.72 -4.33
C ASN C 112 -4.21 13.55 -3.07
N GLU C 113 -4.35 12.89 -1.93
CA GLU C 113 -4.51 13.59 -0.66
C GLU C 113 -3.19 13.97 -0.02
N THR C 114 -2.22 13.05 0.03
CA THR C 114 -0.92 13.38 0.61
C THR C 114 -0.31 14.58 -0.13
N VAL C 115 0.27 15.52 0.61
CA VAL C 115 0.87 16.70 0.01
C VAL C 115 2.29 16.35 -0.41
N VAL C 116 2.62 16.62 -1.67
CA VAL C 116 3.96 16.32 -2.21
C VAL C 116 4.57 17.64 -2.68
N ASN C 117 5.65 18.06 -2.06
CA ASN C 117 6.32 19.26 -2.52
C ASN C 117 7.37 18.96 -3.61
N GLY C 118 7.83 20.02 -4.26
CA GLY C 118 8.86 19.87 -5.27
C GLY C 118 9.89 20.96 -5.11
N LEU C 119 11.14 20.56 -4.96
CA LEU C 119 12.22 21.50 -4.69
C LEU C 119 12.63 22.25 -5.95
N VAL C 120 12.51 23.58 -5.89
CA VAL C 120 13.02 24.50 -6.90
C VAL C 120 13.74 25.60 -6.16
N SER C 121 14.70 26.23 -6.84
CA SER C 121 15.69 27.00 -6.09
C SER C 121 15.89 28.43 -6.63
N PRO C 122 16.35 29.34 -5.76
CA PRO C 122 16.74 30.70 -6.20
C PRO C 122 17.80 30.68 -7.28
N THR C 123 17.79 31.74 -8.10
CA THR C 123 18.70 31.89 -9.22
C THR C 123 19.49 33.21 -9.19
N GLY C 124 19.12 34.16 -8.32
CA GLY C 124 19.60 35.53 -8.37
C GLY C 124 18.70 36.47 -9.18
N THR C 125 17.68 35.90 -9.87
CA THR C 125 16.80 36.70 -10.73
C THR C 125 15.37 36.48 -10.31
N PRO C 126 14.75 37.48 -9.65
CA PRO C 126 13.34 37.36 -9.27
C PRO C 126 12.50 36.94 -10.49
N GLY C 127 11.65 35.94 -10.28
CA GLY C 127 10.77 35.47 -11.32
C GLY C 127 11.23 34.21 -12.03
N MSE C 128 12.49 33.84 -11.81
CA MSE C 128 13.09 32.69 -12.47
C MSE C 128 13.57 31.72 -11.42
O MSE C 128 14.25 32.14 -10.47
CB MSE C 128 14.31 33.08 -13.35
CG MSE C 128 14.03 34.05 -14.47
SE MSE C 128 12.67 33.50 -15.77
CE MSE C 128 13.71 32.09 -16.67
N VAL C 129 13.29 30.42 -11.56
CA VAL C 129 13.73 29.42 -10.60
C VAL C 129 14.45 28.28 -11.30
N LYS C 130 15.38 27.67 -10.56
N LYS C 130 15.37 27.69 -10.53
N LYS C 130 15.38 27.67 -10.56
CA LYS C 130 16.12 26.50 -11.04
CA LYS C 130 16.09 26.49 -10.89
CA LYS C 130 16.12 26.53 -11.05
C LYS C 130 15.34 25.21 -10.71
C LYS C 130 15.20 25.27 -10.69
C LYS C 130 15.34 25.25 -10.70
N ILE C 131 15.03 24.46 -11.77
N ILE C 131 15.07 24.44 -11.71
CA ILE C 131 14.28 23.21 -11.63
CA ILE C 131 14.29 23.22 -11.57
C ILE C 131 15.15 21.95 -11.73
C ILE C 131 15.13 21.94 -11.80
N SER C 132 16.42 22.11 -12.08
CA SER C 132 17.29 20.97 -12.29
C SER C 132 17.87 20.46 -10.98
N THR C 133 16.97 19.91 -10.14
CA THR C 133 17.34 19.59 -8.76
C THR C 133 17.33 18.09 -8.46
N GLY C 134 17.26 17.28 -9.51
CA GLY C 134 17.32 15.83 -9.35
C GLY C 134 18.72 15.27 -9.33
N PRO C 135 18.85 13.92 -9.24
CA PRO C 135 20.17 13.29 -9.07
C PRO C 135 21.16 13.68 -10.17
N LEU C 136 20.83 13.43 -11.42
CA LEU C 136 21.71 13.81 -12.53
C LEU C 136 21.51 15.25 -12.93
N SER C 137 20.28 15.73 -12.91
CA SER C 137 20.03 17.09 -13.38
C SER C 137 20.72 18.12 -12.50
N SER C 138 20.91 17.85 -11.21
CA SER C 138 21.67 18.78 -10.35
C SER C 138 23.12 18.92 -10.75
N GLY C 139 23.66 17.96 -11.50
CA GLY C 139 25.04 18.02 -11.97
C GLY C 139 25.17 18.56 -13.38
N ALA C 140 24.06 18.79 -14.06
CA ALA C 140 24.06 19.37 -15.40
C ALA C 140 24.06 20.89 -15.32
N ALA C 141 24.28 21.56 -16.44
CA ALA C 141 24.02 23.00 -16.49
C ALA C 141 22.64 23.30 -15.93
N ASP C 142 22.51 24.43 -15.26
CA ASP C 142 21.23 24.75 -14.66
C ASP C 142 20.10 24.85 -15.69
N GLY C 143 18.95 24.31 -15.30
CA GLY C 143 17.72 24.54 -16.04
C GLY C 143 16.87 25.51 -15.27
N ILE C 144 16.60 26.66 -15.90
CA ILE C 144 16.01 27.82 -15.24
C ILE C 144 14.79 28.23 -16.02
N VAL C 145 13.63 28.33 -15.34
CA VAL C 145 12.36 28.60 -16.01
C VAL C 145 11.57 29.64 -15.22
N PRO C 146 10.57 30.29 -15.87
CA PRO C 146 9.74 31.23 -15.14
C PRO C 146 8.92 30.54 -14.04
N LEU C 147 8.61 31.29 -13.00
CA LEU C 147 7.79 30.75 -11.93
C LEU C 147 6.46 30.16 -12.39
N GLU C 148 5.75 30.85 -13.29
N GLU C 148 5.74 30.84 -13.30
CA GLU C 148 4.47 30.34 -13.79
CA GLU C 148 4.45 30.29 -13.69
C GLU C 148 4.67 28.91 -14.31
C GLU C 148 4.66 28.89 -14.31
N THR C 149 5.75 28.74 -15.05
CA THR C 149 6.05 27.49 -15.73
C THR C 149 6.44 26.41 -14.72
N ALA C 150 7.27 26.77 -13.73
CA ALA C 150 7.63 25.81 -12.69
C ALA C 150 6.37 25.31 -11.98
N ILE C 151 5.44 26.22 -11.65
CA ILE C 151 4.19 25.85 -10.99
C ILE C 151 3.39 24.89 -11.87
N ALA C 152 3.24 25.22 -13.15
CA ALA C 152 2.43 24.41 -14.06
C ALA C 152 3.09 23.02 -14.21
N LEU C 153 4.42 22.97 -14.35
CA LEU C 153 5.14 21.69 -14.43
C LEU C 153 4.88 20.85 -13.20
N LEU C 154 5.02 21.45 -12.02
CA LEU C 154 4.81 20.71 -10.77
C LEU C 154 3.36 20.21 -10.68
N LYS C 155 2.38 21.04 -11.05
CA LYS C 155 0.98 20.60 -11.01
C LYS C 155 0.78 19.41 -11.94
N ASP C 156 1.29 19.49 -13.17
CA ASP C 156 1.19 18.45 -14.16
C ASP C 156 1.81 17.15 -13.65
N MSE C 157 2.82 17.24 -12.79
CA MSE C 157 3.51 16.07 -12.24
C MSE C 157 2.95 15.62 -10.88
O MSE C 157 3.60 14.85 -10.19
CB MSE C 157 4.98 16.37 -12.14
CG MSE C 157 5.60 16.56 -13.51
SE MSE C 157 7.52 16.77 -13.60
CE MSE C 157 7.71 18.09 -12.19
N GLY C 158 1.77 16.14 -10.51
CA GLY C 158 1.09 15.63 -9.29
C GLY C 158 1.53 16.33 -8.03
N GLY C 159 2.28 17.42 -8.16
CA GLY C 159 2.74 18.16 -7.00
C GLY C 159 1.69 19.04 -6.38
N SER C 160 1.87 19.33 -5.09
CA SER C 160 0.98 20.17 -4.31
C SER C 160 1.54 21.56 -4.05
N SER C 161 2.86 21.65 -4.02
CA SER C 161 3.48 22.89 -3.52
C SER C 161 4.88 23.01 -4.07
N ILE C 162 5.40 24.23 -4.04
CA ILE C 162 6.83 24.49 -4.25
C ILE C 162 7.53 24.43 -2.90
N LYS C 163 8.63 23.67 -2.82
CA LYS C 163 9.56 23.81 -1.73
C LYS C 163 10.65 24.71 -2.21
N TYR C 164 10.67 25.92 -1.67
CA TYR C 164 11.58 26.96 -2.16
C TYR C 164 12.84 26.94 -1.28
N PHE C 165 13.93 26.40 -1.80
CA PHE C 165 15.11 26.06 -1.00
C PHE C 165 16.33 26.18 -1.90
N PRO C 166 17.46 26.64 -1.37
CA PRO C 166 17.64 27.16 0.00
C PRO C 166 17.28 28.63 -0.01
N MSE C 167 16.34 29.05 0.82
N MSE C 167 16.36 29.03 0.84
CA MSE C 167 15.81 30.38 0.68
CA MSE C 167 15.79 30.35 0.71
C MSE C 167 16.76 31.45 1.23
C MSE C 167 16.74 31.43 1.24
O MSE C 167 16.72 32.60 0.78
O MSE C 167 16.70 32.57 0.77
CB MSE C 167 14.37 30.46 1.26
CB MSE C 167 14.39 30.36 1.34
CG MSE C 167 13.82 31.84 1.46
CG MSE C 167 13.55 31.56 1.07
SE MSE C 167 12.06 31.61 2.23
SE MSE C 167 12.14 31.59 2.40
CE MSE C 167 12.63 31.29 3.95
CE MSE C 167 12.13 33.49 2.59
N GLY C 168 17.62 31.07 2.19
CA GLY C 168 18.60 32.00 2.79
C GLY C 168 17.97 33.02 3.73
N GLY C 169 16.95 32.61 4.46
CA GLY C 169 16.30 33.52 5.41
C GLY C 169 15.65 34.63 4.62
N LEU C 170 16.10 35.86 4.84
CA LEU C 170 15.62 37.03 4.08
C LEU C 170 16.66 37.54 3.10
N LYS C 171 17.75 36.81 2.92
CA LYS C 171 18.82 37.30 2.06
C LYS C 171 18.39 37.53 0.61
N HIS C 172 17.38 36.80 0.17
CA HIS C 172 16.89 36.93 -1.20
C HIS C 172 15.41 37.30 -1.17
N ARG C 173 15.09 38.37 -0.46
N ARG C 173 15.14 38.39 -0.46
CA ARG C 173 13.71 38.76 -0.24
CA ARG C 173 13.81 38.94 -0.25
C ARG C 173 12.93 39.08 -1.54
C ARG C 173 12.99 39.04 -1.54
N ALA C 174 13.54 39.76 -2.50
CA ALA C 174 12.85 40.05 -3.76
C ALA C 174 12.51 38.76 -4.50
N GLU C 175 13.45 37.83 -4.56
CA GLU C 175 13.14 36.54 -5.19
C GLU C 175 12.00 35.83 -4.46
N PHE C 176 12.01 35.85 -3.14
CA PHE C 176 10.94 35.19 -2.37
C PHE C 176 9.62 35.89 -2.57
N GLU C 177 9.60 37.22 -2.58
N GLU C 177 9.60 37.22 -2.57
CA GLU C 177 8.37 37.93 -2.87
CA GLU C 177 8.38 37.97 -2.88
C GLU C 177 7.80 37.55 -4.23
C GLU C 177 7.81 37.51 -4.22
N ALA C 178 8.66 37.34 -5.23
CA ALA C 178 8.16 36.94 -6.54
C ALA C 178 7.60 35.50 -6.50
N VAL C 179 8.24 34.60 -5.74
CA VAL C 179 7.70 33.26 -5.59
C VAL C 179 6.31 33.32 -4.97
N ALA C 180 6.18 34.09 -3.87
CA ALA C 180 4.88 34.15 -3.21
C ALA C 180 3.80 34.74 -4.14
N LYS C 181 4.15 35.80 -4.86
CA LYS C 181 3.20 36.40 -5.79
C LYS C 181 2.76 35.39 -6.85
N ALA C 182 3.72 34.61 -7.38
CA ALA C 182 3.40 33.64 -8.41
C ALA C 182 2.53 32.50 -7.87
N CYS C 183 2.83 32.02 -6.66
CA CYS C 183 2.01 30.97 -6.08
C CYS C 183 0.58 31.46 -5.86
N ALA C 184 0.43 32.71 -5.43
CA ALA C 184 -0.92 33.25 -5.27
C ALA C 184 -1.64 33.38 -6.62
N ALA C 185 -0.94 33.91 -7.62
CA ALA C 185 -1.53 34.15 -8.94
C ALA C 185 -1.93 32.87 -9.64
N HIS C 186 -1.15 31.80 -9.42
CA HIS C 186 -1.34 30.58 -10.16
C HIS C 186 -1.82 29.44 -9.25
N ASP C 187 -2.47 29.81 -8.14
N ASP C 187 -2.43 29.80 -8.12
CA ASP C 187 -3.15 28.86 -7.29
CA ASP C 187 -3.18 28.86 -7.30
C ASP C 187 -2.27 27.65 -6.98
C ASP C 187 -2.35 27.64 -6.86
N PHE C 188 -1.17 27.90 -6.29
CA PHE C 188 -0.30 26.84 -5.81
C PHE C 188 0.17 27.15 -4.39
N TRP C 189 0.59 26.09 -3.68
CA TRP C 189 0.99 26.22 -2.29
C TRP C 189 2.50 26.41 -2.19
N LEU C 190 2.96 26.89 -1.04
CA LEU C 190 4.33 27.33 -0.90
C LEU C 190 4.90 26.81 0.41
N GLU C 191 6.13 26.29 0.34
CA GLU C 191 6.89 25.78 1.50
C GLU C 191 8.23 26.50 1.59
N PRO C 192 8.28 27.67 2.25
CA PRO C 192 9.54 28.39 2.41
C PRO C 192 10.48 27.58 3.30
N THR C 193 11.72 27.39 2.85
N THR C 193 11.73 27.41 2.88
CA THR C 193 12.68 26.54 3.57
CA THR C 193 12.64 26.62 3.68
C THR C 193 14.07 27.13 3.51
C THR C 193 14.07 27.12 3.53
N GLY C 194 14.74 27.22 4.67
CA GLY C 194 16.18 27.53 4.74
C GLY C 194 16.41 28.86 5.41
N GLY C 195 17.07 28.84 6.56
CA GLY C 195 17.45 30.07 7.26
C GLY C 195 16.32 30.74 8.03
N ILE C 196 15.20 30.05 8.22
CA ILE C 196 14.11 30.60 9.04
C ILE C 196 14.44 30.45 10.52
N ASP C 197 14.22 31.50 11.29
CA ASP C 197 14.46 31.44 12.72
C ASP C 197 13.39 32.27 13.43
N LEU C 198 13.47 32.36 14.75
CA LEU C 198 12.39 33.05 15.49
C LEU C 198 12.37 34.54 15.17
N GLU C 199 13.51 35.10 14.76
CA GLU C 199 13.60 36.54 14.48
C GLU C 199 13.05 36.92 13.12
N ASN C 200 13.11 36.02 12.13
CA ASN C 200 12.62 36.36 10.79
C ASN C 200 11.31 35.67 10.42
N TYR C 201 10.81 34.78 11.28
CA TYR C 201 9.67 33.95 10.90
C TYR C 201 8.44 34.79 10.55
N SER C 202 8.10 35.75 11.42
CA SER C 202 6.87 36.50 11.15
C SER C 202 6.95 37.24 9.83
N GLU C 203 8.09 37.90 9.57
CA GLU C 203 8.22 38.67 8.33
C GLU C 203 8.14 37.76 7.09
N ILE C 204 8.80 36.61 7.16
CA ILE C 204 8.78 35.67 6.06
C ILE C 204 7.35 35.12 5.83
N LEU C 205 6.68 34.70 6.91
CA LEU C 205 5.33 34.20 6.76
C LEU C 205 4.40 35.27 6.22
N LYS C 206 4.55 36.49 6.73
CA LYS C 206 3.67 37.58 6.30
C LYS C 206 3.84 37.95 4.83
N ILE C 207 5.05 37.82 4.27
CA ILE C 207 5.21 37.97 2.82
C ILE C 207 4.28 37.02 2.08
N ALA C 208 4.27 35.75 2.50
CA ALA C 208 3.42 34.77 1.83
C ALA C 208 1.92 34.99 2.07
N LEU C 209 1.58 35.36 3.30
CA LEU C 209 0.17 35.64 3.65
C LEU C 209 -0.36 36.84 2.88
N ASP C 210 0.40 37.93 2.91
CA ASP C 210 0.00 39.16 2.21
C ASP C 210 -0.13 38.97 0.71
N ALA C 211 0.75 38.14 0.13
CA ALA C 211 0.65 37.84 -1.29
C ALA C 211 -0.63 37.09 -1.65
N GLY C 212 -1.26 36.43 -0.67
CA GLY C 212 -2.48 35.68 -0.91
C GLY C 212 -2.25 34.20 -1.18
N VAL C 213 -1.09 33.66 -0.81
CA VAL C 213 -0.85 32.21 -1.00
C VAL C 213 -1.87 31.46 -0.15
N SER C 214 -2.52 30.45 -0.70
N SER C 214 -2.54 30.49 -0.75
N SER C 214 -2.56 30.49 -0.75
CA SER C 214 -3.66 29.85 0.01
CA SER C 214 -3.69 29.85 -0.09
CA SER C 214 -3.67 29.85 -0.07
C SER C 214 -3.25 28.93 1.16
C SER C 214 -3.31 28.96 1.08
C SER C 214 -3.21 29.03 1.12
N LYS C 215 -2.18 28.16 0.95
N LYS C 215 -2.20 28.23 0.94
CA LYS C 215 -1.66 27.24 1.98
CA LYS C 215 -1.67 27.40 2.03
C LYS C 215 -0.17 27.39 1.99
C LYS C 215 -0.18 27.45 2.00
N ILE C 216 0.40 27.52 3.19
CA ILE C 216 1.82 27.76 3.39
C ILE C 216 2.32 26.78 4.45
N ILE C 217 3.42 26.09 4.13
CA ILE C 217 4.07 25.14 5.05
C ILE C 217 5.52 25.61 5.24
N PRO C 218 5.76 26.50 6.23
CA PRO C 218 7.15 26.91 6.50
C PRO C 218 7.92 25.75 7.17
N HIS C 219 9.18 25.58 6.78
CA HIS C 219 10.07 24.61 7.36
C HIS C 219 11.09 25.32 8.23
N ILE C 220 11.21 24.89 9.49
CA ILE C 220 12.14 25.53 10.43
C ILE C 220 12.96 24.43 11.05
N TYR C 221 14.23 24.35 10.67
CA TYR C 221 15.07 23.23 11.10
C TYR C 221 16.14 23.72 12.08
N SER C 222 17.35 24.01 11.60
CA SER C 222 18.50 24.15 12.50
C SER C 222 18.33 25.20 13.58
N SER C 223 17.59 26.29 13.30
CA SER C 223 17.49 27.36 14.28
C SER C 223 16.72 26.94 15.55
N ILE C 224 15.94 25.86 15.49
CA ILE C 224 15.14 25.43 16.63
C ILE C 224 15.55 24.04 17.14
N ILE C 225 16.70 23.51 16.69
CA ILE C 225 17.17 22.16 17.06
C ILE C 225 18.31 22.28 18.09
N ASP C 226 18.15 21.58 19.20
CA ASP C 226 19.18 21.48 20.25
C ASP C 226 20.27 20.58 19.68
N LYS C 227 21.51 21.06 19.58
CA LYS C 227 22.53 20.29 18.87
C LYS C 227 22.96 19.02 19.64
N ALA C 228 22.91 19.09 20.95
CA ALA C 228 23.34 17.97 21.79
C ALA C 228 22.46 16.74 21.64
N SER C 229 21.14 16.97 21.68
CA SER C 229 20.16 15.88 21.60
C SER C 229 19.69 15.66 20.17
N GLY C 230 19.77 16.69 19.34
CA GLY C 230 19.22 16.64 17.98
C GLY C 230 17.70 16.82 17.94
N ASN C 231 17.08 17.14 19.07
CA ASN C 231 15.62 17.36 19.14
C ASN C 231 15.21 18.80 18.82
N THR C 232 14.12 18.98 18.12
CA THR C 232 13.49 20.31 18.03
C THR C 232 12.95 20.73 19.40
N ARG C 233 13.24 21.96 19.81
CA ARG C 233 12.78 22.44 21.09
C ARG C 233 11.26 22.65 21.06
N PRO C 234 10.48 21.93 21.89
CA PRO C 234 9.03 22.16 21.85
C PRO C 234 8.62 23.59 22.18
N ALA C 235 9.39 24.29 23.05
CA ALA C 235 9.07 25.69 23.37
C ALA C 235 9.17 26.54 22.10
N ASP C 236 10.12 26.24 21.21
CA ASP C 236 10.25 27.03 19.98
C ASP C 236 9.06 26.73 19.04
N VAL C 237 8.56 25.50 19.10
CA VAL C 237 7.35 25.19 18.33
C VAL C 237 6.14 25.96 18.89
N ARG C 238 6.03 26.04 20.22
N ARG C 238 6.03 26.05 20.21
CA ARG C 238 4.98 26.86 20.81
CA ARG C 238 4.97 26.87 20.79
C ARG C 238 5.10 28.32 20.34
C ARG C 238 5.10 28.32 20.34
N GLN C 239 6.34 28.83 20.29
CA GLN C 239 6.55 30.22 19.88
C GLN C 239 6.16 30.43 18.42
N LEU C 240 6.57 29.48 17.55
CA LEU C 240 6.18 29.55 16.16
C LEU C 240 4.68 29.48 15.96
N LEU C 241 4.00 28.62 16.72
CA LEU C 241 2.56 28.53 16.64
C LEU C 241 1.91 29.88 17.02
N GLU C 242 2.38 30.50 18.11
CA GLU C 242 1.77 31.76 18.52
C GLU C 242 2.03 32.85 17.49
N MSE C 243 3.25 32.90 16.93
CA MSE C 243 3.50 33.90 15.89
C MSE C 243 2.60 33.67 14.68
O MSE C 243 2.15 34.63 14.05
CB MSE C 243 4.94 33.86 15.44
CG MSE C 243 5.90 34.33 16.55
SE MSE C 243 7.74 34.32 15.90
CE MSE C 243 8.25 32.64 16.51
N THR C 244 2.32 32.42 14.40
CA THR C 244 1.38 32.06 13.31
C THR C 244 -0.03 32.53 13.62
N LYS C 245 -0.50 32.27 14.84
CA LYS C 245 -1.84 32.70 15.23
C LYS C 245 -2.00 34.23 15.14
N GLN C 246 -0.94 34.96 15.49
CA GLN C 246 -1.01 36.40 15.46
C GLN C 246 -1.12 36.94 14.05
N LEU C 247 -0.58 36.20 13.08
CA LEU C 247 -0.61 36.63 11.69
C LEU C 247 -1.79 36.10 10.90
N VAL C 248 -2.40 35.02 11.37
CA VAL C 248 -3.50 34.36 10.65
C VAL C 248 -4.78 34.51 11.50
N LYS C 249 -5.42 35.67 11.41
CA LYS C 249 -6.59 35.96 12.26
C LYS C 249 -7.87 35.55 11.52
N SER D 1 7.70 -10.03 -21.28
CA SER D 1 7.70 -11.52 -21.04
C SER D 1 8.42 -12.17 -22.20
N ASN D 2 8.67 -13.47 -22.09
CA ASN D 2 9.37 -14.19 -23.18
C ASN D 2 8.69 -14.08 -24.56
N ALA D 3 7.37 -14.26 -24.59
CA ALA D 3 6.61 -14.22 -25.83
C ALA D 3 6.23 -12.79 -26.23
N MSE D 4 6.24 -11.90 -25.23
CA MSE D 4 5.95 -10.50 -25.45
C MSE D 4 7.11 -9.64 -24.90
O MSE D 4 7.01 -9.07 -23.82
CB MSE D 4 4.58 -10.15 -24.84
CG MSE D 4 3.43 -11.07 -25.34
SE MSE D 4 3.03 -10.66 -27.20
CE MSE D 4 1.93 -9.14 -26.85
N LYS D 5 8.19 -9.56 -25.68
CA LYS D 5 9.41 -8.80 -25.34
C LYS D 5 9.09 -7.35 -25.14
N LEU D 6 9.82 -6.72 -24.24
CA LEU D 6 9.58 -5.33 -23.83
C LEU D 6 10.44 -4.31 -24.49
N THR D 7 11.38 -4.72 -25.32
CA THR D 7 12.22 -3.71 -25.96
C THR D 7 12.03 -3.80 -27.49
N PRO D 8 12.17 -2.67 -28.18
CA PRO D 8 11.93 -2.65 -29.62
C PRO D 8 12.93 -3.51 -30.42
N ASN D 9 12.52 -3.93 -31.61
CA ASN D 9 13.40 -4.69 -32.50
C ASN D 9 14.14 -3.71 -33.40
N PHE D 10 15.26 -3.19 -32.89
CA PHE D 10 16.06 -2.25 -33.67
C PHE D 10 16.76 -2.97 -34.79
N TYR D 11 16.73 -2.39 -35.99
CA TYR D 11 17.52 -2.88 -37.10
C TYR D 11 18.99 -2.62 -36.83
N ARG D 12 19.79 -3.68 -36.86
CA ARG D 12 21.23 -3.62 -36.56
C ARG D 12 21.51 -2.83 -35.30
N ASP D 13 20.70 -3.05 -34.27
N ASP D 13 20.63 -2.99 -34.32
CA ASP D 13 20.84 -2.41 -32.95
CA ASP D 13 20.79 -2.39 -32.99
C ASP D 13 20.93 -0.89 -33.06
C ASP D 13 20.75 -0.87 -33.00
N ARG D 14 20.14 -0.31 -33.97
N ARG D 14 20.32 -0.27 -34.12
CA ARG D 14 20.32 1.11 -34.24
CA ARG D 14 20.37 1.20 -34.27
C ARG D 14 19.01 1.89 -34.51
C ARG D 14 19.00 1.89 -34.50
N VAL D 15 18.13 1.36 -35.37
CA VAL D 15 16.96 2.12 -35.84
C VAL D 15 15.71 1.27 -35.79
N CYS D 16 14.63 1.83 -35.24
CA CYS D 16 13.34 1.17 -35.28
C CYS D 16 12.30 2.20 -35.73
N LEU D 17 11.51 1.88 -36.75
CA LEU D 17 10.49 2.81 -37.24
C LEU D 17 9.35 2.93 -36.23
N ASN D 18 8.62 4.04 -36.27
CA ASN D 18 7.38 4.17 -35.50
C ASN D 18 6.32 4.80 -36.39
N VAL D 19 5.30 4.02 -36.69
CA VAL D 19 4.23 4.44 -37.60
C VAL D 19 2.90 4.04 -36.99
N LEU D 20 1.82 4.67 -37.40
CA LEU D 20 0.49 4.40 -36.83
C LEU D 20 -0.25 3.31 -37.58
N ALA D 21 -1.01 2.50 -36.88
CA ALA D 21 -1.93 1.52 -37.55
C ALA D 21 -3.35 2.03 -37.54
N GLY D 22 -4.02 1.81 -38.67
CA GLY D 22 -5.43 2.18 -38.78
C GLY D 22 -6.40 1.05 -38.45
N SER D 23 -5.88 -0.17 -38.23
CA SER D 23 -6.68 -1.39 -37.96
C SER D 23 -5.72 -2.50 -37.57
N LYS D 24 -6.26 -3.62 -37.05
CA LYS D 24 -5.40 -4.77 -36.74
C LYS D 24 -4.80 -5.34 -38.01
N ASP D 25 -5.59 -5.42 -39.10
CA ASP D 25 -5.03 -5.83 -40.40
C ASP D 25 -3.89 -4.93 -40.82
N ASN D 26 -4.07 -3.62 -40.66
CA ASN D 26 -3.01 -2.71 -41.06
C ASN D 26 -1.79 -2.93 -40.18
N ALA D 27 -1.98 -3.14 -38.88
CA ALA D 27 -0.82 -3.43 -38.01
C ALA D 27 -0.02 -4.62 -38.46
N ARG D 28 -0.72 -5.71 -38.82
CA ARG D 28 0.00 -6.89 -39.32
C ARG D 28 0.76 -6.60 -40.59
N GLU D 29 0.14 -5.85 -41.51
CA GLU D 29 0.80 -5.54 -42.78
C GLU D 29 2.01 -4.65 -42.58
N ILE D 30 1.90 -3.71 -41.64
CA ILE D 30 3.03 -2.84 -41.31
C ILE D 30 4.17 -3.64 -40.71
N TYR D 31 3.83 -4.52 -39.77
CA TYR D 31 4.85 -5.29 -39.08
C TYR D 31 5.62 -6.18 -40.06
N ASP D 32 4.90 -6.78 -41.01
CA ASP D 32 5.54 -7.56 -42.07
CA ASP D 32 5.54 -7.56 -42.06
C ASP D 32 6.39 -6.67 -42.97
N ALA D 33 5.84 -5.52 -43.34
CA ALA D 33 6.52 -4.63 -44.30
C ALA D 33 7.86 -4.16 -43.74
N ALA D 34 7.91 -3.93 -42.42
CA ALA D 34 9.13 -3.47 -41.76
C ALA D 34 10.05 -4.59 -41.31
N GLU D 35 9.71 -5.83 -41.65
CA GLU D 35 10.50 -6.99 -41.21
C GLU D 35 10.66 -7.00 -39.69
N GLY D 36 9.62 -6.52 -38.99
CA GLY D 36 9.65 -6.46 -37.54
C GLY D 36 10.37 -5.28 -36.91
N HIS D 37 11.03 -4.45 -37.72
CA HIS D 37 11.79 -3.31 -37.19
C HIS D 37 10.91 -2.06 -37.06
N VAL D 38 9.83 -2.22 -36.32
CA VAL D 38 8.84 -1.16 -36.21
C VAL D 38 8.17 -1.28 -34.86
N LEU D 39 7.63 -0.16 -34.44
CA LEU D 39 6.71 -0.02 -33.31
C LEU D 39 5.43 0.55 -33.91
N VAL D 40 4.33 -0.16 -33.72
CA VAL D 40 3.10 0.20 -34.35
C VAL D 40 2.27 1.01 -33.33
N GLY D 41 1.92 2.24 -33.72
CA GLY D 41 1.22 3.14 -32.80
C GLY D 41 -0.27 2.97 -32.81
N VAL D 42 -0.84 2.94 -31.62
CA VAL D 42 -2.27 2.91 -31.43
C VAL D 42 -2.56 4.03 -30.44
N LEU D 43 -3.56 4.85 -30.77
CA LEU D 43 -3.76 6.08 -30.02
C LEU D 43 -4.78 5.97 -28.91
N SER D 44 -4.41 6.42 -27.72
CA SER D 44 -5.30 6.40 -26.57
C SER D 44 -6.61 7.18 -26.85
N LYS D 45 -6.53 8.27 -27.63
CA LYS D 45 -7.67 9.16 -27.83
C LYS D 45 -8.73 8.47 -28.67
N ASN D 46 -8.42 7.31 -29.24
CA ASN D 46 -9.41 6.55 -29.99
C ASN D 46 -10.30 5.62 -29.17
N TYR D 47 -10.19 5.73 -27.84
CA TYR D 47 -10.98 4.90 -26.91
C TYR D 47 -11.61 5.81 -25.89
N PRO D 48 -12.75 5.38 -25.36
CA PRO D 48 -13.45 6.26 -24.41
C PRO D 48 -12.89 6.16 -23.01
N ASP D 49 -12.12 5.11 -22.70
CA ASP D 49 -11.61 4.89 -21.34
C ASP D 49 -10.45 3.92 -21.39
N VAL D 50 -9.76 3.81 -20.26
CA VAL D 50 -8.58 2.93 -20.14
C VAL D 50 -8.97 1.49 -20.44
N ALA D 51 -10.08 1.03 -19.85
CA ALA D 51 -10.44 -0.38 -19.96
C ALA D 51 -10.56 -0.82 -21.43
N SER D 52 -11.24 -0.03 -22.25
N SER D 52 -11.22 0.01 -22.24
N SER D 52 -11.25 0.00 -22.22
CA SER D 52 -11.42 -0.42 -23.66
CA SER D 52 -11.45 -0.28 -23.65
CA SER D 52 -11.47 -0.23 -23.66
C SER D 52 -10.10 -0.33 -24.41
C SER D 52 -10.17 -0.24 -24.47
C SER D 52 -10.14 -0.28 -24.42
N ALA D 53 -9.28 0.69 -24.14
CA ALA D 53 -7.97 0.78 -24.78
C ALA D 53 -7.12 -0.44 -24.45
N VAL D 54 -7.14 -0.86 -23.17
CA VAL D 54 -6.34 -2.02 -22.77
C VAL D 54 -6.77 -3.27 -23.55
N VAL D 55 -8.07 -3.55 -23.62
CA VAL D 55 -8.52 -4.74 -24.34
C VAL D 55 -8.04 -4.73 -25.80
N ASP D 56 -8.27 -3.62 -26.47
CA ASP D 56 -7.97 -3.58 -27.88
C ASP D 56 -6.46 -3.56 -28.14
N MSE D 57 -5.74 -2.74 -27.37
CA MSE D 57 -4.29 -2.69 -27.57
C MSE D 57 -3.58 -3.99 -27.24
O MSE D 57 -2.59 -4.33 -27.90
CB MSE D 57 -3.67 -1.51 -26.82
CG MSE D 57 -4.09 -0.16 -27.40
SE MSE D 57 -2.99 1.21 -26.67
CE MSE D 57 -4.05 2.75 -27.11
N ARG D 58 -4.07 -4.72 -26.24
N ARG D 58 -4.07 -4.73 -26.25
CA ARG D 58 -3.49 -6.03 -25.94
CA ARG D 58 -3.49 -6.05 -25.99
C ARG D 58 -3.68 -6.99 -27.13
C ARG D 58 -3.65 -6.94 -27.20
N ASP D 59 -4.82 -6.89 -27.80
CA ASP D 59 -5.06 -7.72 -29.00
C ASP D 59 -4.14 -7.30 -30.15
N TYR D 60 -3.98 -5.99 -30.40
CA TYR D 60 -2.98 -5.52 -31.38
C TYR D 60 -1.62 -6.09 -31.06
N ALA D 61 -1.19 -5.92 -29.82
CA ALA D 61 0.17 -6.31 -29.45
C ALA D 61 0.41 -7.81 -29.70
N LYS D 62 -0.60 -8.64 -29.38
CA LYS D 62 -0.45 -10.09 -29.56
C LYS D 62 -0.19 -10.48 -31.04
N LEU D 63 -0.73 -9.69 -31.96
CA LEU D 63 -0.53 -9.96 -33.40
C LEU D 63 0.85 -9.65 -33.87
N ILE D 64 1.57 -8.78 -33.16
CA ILE D 64 2.84 -8.20 -33.65
C ILE D 64 3.97 -8.36 -32.61
N ASP D 65 3.91 -9.46 -31.83
CA ASP D 65 5.02 -9.78 -30.92
C ASP D 65 5.29 -8.63 -29.94
N ASN D 66 4.24 -7.89 -29.56
CA ASN D 66 4.34 -6.79 -28.59
C ASN D 66 4.98 -5.53 -29.12
N ALA D 67 5.13 -5.43 -30.45
CA ALA D 67 5.76 -4.24 -31.07
C ALA D 67 4.79 -3.07 -31.15
N LEU D 68 4.24 -2.73 -29.99
N LEU D 68 4.21 -2.72 -30.01
CA LEU D 68 3.20 -1.71 -29.81
CA LEU D 68 3.20 -1.68 -29.95
C LEU D 68 3.78 -0.42 -29.23
C LEU D 68 3.74 -0.44 -29.25
N SER D 69 3.33 0.72 -29.74
CA SER D 69 3.67 2.04 -29.16
C SER D 69 2.37 2.73 -28.74
N VAL D 70 2.21 2.95 -27.44
CA VAL D 70 0.95 3.57 -26.93
C VAL D 70 1.09 5.08 -27.20
N GLY D 71 0.12 5.63 -27.91
CA GLY D 71 0.12 7.04 -28.32
C GLY D 71 -0.80 7.94 -27.52
N LEU D 72 -0.39 9.19 -27.42
CA LEU D 72 -1.26 10.22 -26.88
C LEU D 72 -2.33 10.53 -27.91
N GLY D 73 -1.92 10.84 -29.13
N GLY D 73 -1.84 10.95 -29.09
CA GLY D 73 -2.88 11.31 -30.14
CA GLY D 73 -2.65 11.33 -30.26
C GLY D 73 -2.80 12.80 -30.06
C GLY D 73 -2.77 12.81 -30.55
N ALA D 74 -1.69 13.28 -30.61
N ALA D 74 -3.70 13.15 -31.42
CA ALA D 74 -1.36 14.68 -30.85
CA ALA D 74 -3.82 14.52 -31.91
C ALA D 74 0.05 15.05 -30.40
C ALA D 74 -2.95 15.50 -31.12
N GLY D 75 0.75 14.12 -29.74
N GLY D 75 -1.81 15.02 -30.61
CA GLY D 75 1.63 14.54 -28.66
CA GLY D 75 -0.89 15.88 -29.84
C GLY D 75 0.70 15.27 -27.67
C GLY D 75 -1.45 16.43 -28.54
N ASP D 76 -0.60 14.96 -27.77
N ASP D 76 -2.44 15.74 -27.98
CA ASP D 76 -1.62 15.68 -26.98
CA ASP D 76 -3.07 16.18 -26.72
C ASP D 76 -1.46 15.53 -25.49
C ASP D 76 -2.27 15.75 -25.45
N PRO D 77 -1.46 16.65 -24.77
CA PRO D 77 -0.92 16.35 -23.44
C PRO D 77 -1.98 15.89 -22.48
N ASN D 78 -3.24 16.21 -22.76
CA ASN D 78 -4.31 15.79 -21.88
C ASN D 78 -4.59 14.29 -21.90
N GLN D 79 -3.97 13.57 -22.82
CA GLN D 79 -4.02 12.11 -22.83
C GLN D 79 -2.94 11.46 -21.96
N SER D 80 -2.08 12.28 -21.32
CA SER D 80 -0.93 11.71 -20.62
C SER D 80 -1.32 10.72 -19.54
N ALA D 81 -2.24 11.09 -18.63
CA ALA D 81 -2.60 10.17 -17.58
C ALA D 81 -3.18 8.86 -18.12
N MSE D 82 -4.03 8.97 -19.14
CA MSE D 82 -4.63 7.78 -19.71
C MSE D 82 -3.56 6.87 -20.31
O MSE D 82 -3.61 5.65 -20.15
CB MSE D 82 -5.66 8.19 -20.73
CG MSE D 82 -6.46 7.07 -21.25
SE MSE D 82 -7.80 7.66 -22.50
CE MSE D 82 -8.42 6.00 -23.16
N VAL D 83 -2.59 7.46 -21.01
CA VAL D 83 -1.50 6.67 -21.57
C VAL D 83 -0.74 5.90 -20.46
N SER D 84 -0.44 6.58 -19.35
CA SER D 84 0.26 5.90 -18.26
C SER D 84 -0.55 4.70 -17.74
N GLU D 85 -1.85 4.91 -17.56
CA GLU D 85 -2.71 3.86 -17.00
C GLU D 85 -2.87 2.70 -18.00
N ILE D 86 -3.03 3.01 -19.29
CA ILE D 86 -3.10 1.96 -20.28
C ILE D 86 -1.82 1.11 -20.28
N SER D 87 -0.68 1.82 -20.27
CA SER D 87 0.59 1.14 -20.39
C SER D 87 0.85 0.20 -19.24
N ARG D 88 0.37 0.57 -18.03
CA ARG D 88 0.52 -0.30 -16.87
C ARG D 88 0.03 -1.72 -17.17
N GLN D 89 -1.14 -1.82 -17.82
CA GLN D 89 -1.72 -3.13 -18.09
C GLN D 89 -1.25 -3.74 -19.42
N VAL D 90 -1.01 -2.90 -20.43
CA VAL D 90 -0.60 -3.42 -21.75
C VAL D 90 0.85 -3.93 -21.72
N GLN D 91 1.72 -3.27 -20.96
CA GLN D 91 3.14 -3.63 -20.97
C GLN D 91 3.71 -3.71 -22.38
N PRO D 92 3.63 -2.58 -23.12
CA PRO D 92 4.11 -2.52 -24.50
C PRO D 92 5.60 -2.38 -24.59
N GLN D 93 6.14 -2.43 -25.80
CA GLN D 93 7.53 -2.06 -26.01
C GLN D 93 7.82 -0.57 -25.89
N HIS D 94 6.80 0.25 -26.11
CA HIS D 94 7.06 1.68 -26.27
C HIS D 94 5.86 2.52 -25.80
N VAL D 95 6.18 3.64 -25.17
CA VAL D 95 5.19 4.59 -24.66
C VAL D 95 5.58 6.01 -25.07
N ASN D 96 4.63 6.77 -25.64
CA ASN D 96 4.81 8.20 -25.88
C ASN D 96 4.36 9.00 -24.69
N GLN D 97 5.20 9.93 -24.20
CA GLN D 97 4.78 10.78 -23.10
C GLN D 97 5.18 12.22 -23.35
N VAL D 98 4.44 13.12 -22.70
CA VAL D 98 4.89 14.49 -22.55
C VAL D 98 5.87 14.59 -21.42
N PHE D 99 6.56 15.74 -21.32
CA PHE D 99 7.67 15.83 -20.36
C PHE D 99 7.23 15.47 -18.93
N THR D 100 6.04 15.93 -18.57
CA THR D 100 5.46 15.77 -17.24
C THR D 100 4.80 14.43 -16.96
N GLY D 101 4.82 13.51 -17.94
CA GLY D 101 4.21 12.19 -17.79
C GLY D 101 5.20 11.05 -17.80
N VAL D 102 6.48 11.32 -18.11
CA VAL D 102 7.48 10.27 -18.22
C VAL D 102 7.59 9.43 -16.94
N ALA D 103 7.81 10.11 -15.81
CA ALA D 103 7.97 9.42 -14.54
C ALA D 103 6.70 8.66 -14.14
N THR D 104 5.52 9.23 -14.40
CA THR D 104 4.28 8.50 -14.08
C THR D 104 4.20 7.20 -14.87
N SER D 105 4.50 7.27 -16.16
CA SER D 105 4.48 6.06 -16.98
C SER D 105 5.51 5.04 -16.51
N ARG D 106 6.73 5.48 -16.22
CA ARG D 106 7.74 4.56 -15.74
C ARG D 106 7.26 3.90 -14.46
N ALA D 107 6.72 4.69 -13.52
CA ALA D 107 6.30 4.12 -12.23
C ALA D 107 5.18 3.10 -12.43
N LEU D 108 4.22 3.39 -13.30
CA LEU D 108 3.11 2.48 -13.52
C LEU D 108 3.50 1.24 -14.33
N LEU D 109 4.49 1.37 -15.21
CA LEU D 109 5.01 0.19 -15.91
C LEU D 109 5.65 -0.80 -14.95
N GLY D 110 6.38 -0.29 -13.96
CA GLY D 110 7.01 -1.15 -12.97
C GLY D 110 8.32 -1.79 -13.39
N GLN D 111 8.82 -1.45 -14.58
CA GLN D 111 10.06 -2.01 -15.09
C GLN D 111 10.71 -0.98 -15.98
N ASN D 112 12.00 -1.23 -16.24
CA ASN D 112 12.89 -0.30 -16.92
C ASN D 112 13.16 -0.66 -18.38
N GLU D 113 12.49 -1.70 -18.89
CA GLU D 113 12.75 -2.14 -20.25
C GLU D 113 11.95 -1.39 -21.30
N THR D 114 10.64 -1.25 -21.09
CA THR D 114 9.80 -0.51 -22.02
C THR D 114 10.44 0.88 -22.30
N VAL D 115 10.45 1.29 -23.56
CA VAL D 115 11.00 2.58 -23.92
C VAL D 115 9.95 3.65 -23.69
N VAL D 116 10.26 4.67 -22.88
CA VAL D 116 9.34 5.77 -22.61
C VAL D 116 9.98 7.06 -23.14
N ASN D 117 9.38 7.66 -24.14
CA ASN D 117 9.92 8.92 -24.64
C ASN D 117 9.34 10.11 -23.88
N GLY D 118 9.99 11.25 -24.06
CA GLY D 118 9.56 12.50 -23.40
C GLY D 118 9.59 13.60 -24.42
N LEU D 119 8.43 14.23 -24.65
N LEU D 119 8.42 14.25 -24.62
CA LEU D 119 8.33 15.22 -25.71
CA LEU D 119 8.25 15.30 -25.65
C LEU D 119 8.97 16.53 -25.26
C LEU D 119 8.94 16.60 -25.26
N VAL D 120 9.95 17.01 -26.04
CA VAL D 120 10.57 18.33 -25.89
C VAL D 120 10.64 18.97 -27.25
N SER D 121 10.70 20.31 -27.31
CA SER D 121 10.39 20.99 -28.56
C SER D 121 11.39 22.03 -28.97
N PRO D 122 11.41 22.35 -30.26
CA PRO D 122 12.27 23.46 -30.76
C PRO D 122 11.95 24.77 -30.09
N THR D 123 12.94 25.66 -30.13
CA THR D 123 12.86 26.98 -29.50
C THR D 123 13.30 28.11 -30.45
N GLY D 124 13.88 27.76 -31.60
CA GLY D 124 14.53 28.73 -32.47
C GLY D 124 16.02 28.90 -32.16
N THR D 125 16.51 28.27 -31.07
CA THR D 125 17.92 28.43 -30.61
C THR D 125 18.55 27.06 -30.45
N PRO D 126 19.39 26.66 -31.42
CA PRO D 126 20.08 25.36 -31.29
C PRO D 126 20.78 25.26 -29.95
N GLY D 127 20.61 24.13 -29.29
CA GLY D 127 21.15 23.91 -27.97
C GLY D 127 20.16 24.03 -26.82
N MSE D 128 19.04 24.69 -27.08
CA MSE D 128 18.02 24.96 -26.08
C MSE D 128 16.72 24.30 -26.48
O MSE D 128 16.30 24.42 -27.63
CB MSE D 128 17.77 26.49 -26.01
CG MSE D 128 18.94 27.34 -25.58
SE MSE D 128 19.54 26.99 -23.70
CE MSE D 128 21.27 26.41 -24.03
N VAL D 129 16.06 23.60 -25.54
CA VAL D 129 14.79 22.95 -25.85
C VAL D 129 13.70 23.33 -24.86
N LYS D 130 12.48 23.31 -25.36
CA LYS D 130 11.30 23.61 -24.55
C LYS D 130 10.79 22.33 -23.88
N ILE D 131 10.71 22.38 -22.55
N ILE D 131 10.70 22.37 -22.56
CA ILE D 131 10.29 21.25 -21.74
CA ILE D 131 10.26 21.21 -21.82
C ILE D 131 8.86 21.37 -21.20
C ILE D 131 8.87 21.36 -21.19
N SER D 132 8.22 22.51 -21.41
CA SER D 132 6.92 22.77 -20.86
C SER D 132 5.82 22.24 -21.73
N THR D 133 5.74 20.92 -21.81
CA THR D 133 4.90 20.25 -22.83
C THR D 133 3.74 19.46 -22.20
N GLY D 134 3.51 19.61 -20.90
CA GLY D 134 2.40 18.91 -20.22
C GLY D 134 1.07 19.66 -20.31
N PRO D 135 0.04 19.11 -19.67
CA PRO D 135 -1.30 19.66 -19.79
C PRO D 135 -1.38 21.15 -19.49
N LEU D 136 -0.98 21.56 -18.29
CA LEU D 136 -0.99 22.99 -17.93
C LEU D 136 0.28 23.69 -18.36
N SER D 137 1.42 23.00 -18.29
CA SER D 137 2.66 23.67 -18.62
C SER D 137 2.74 24.11 -20.08
N SER D 138 2.04 23.37 -20.96
CA SER D 138 1.98 23.76 -22.38
C SER D 138 1.29 25.12 -22.59
N GLY D 139 0.48 25.53 -21.62
CA GLY D 139 -0.20 26.85 -21.68
C GLY D 139 0.50 27.96 -20.91
N ALA D 140 1.56 27.65 -20.21
CA ALA D 140 2.36 28.63 -19.46
C ALA D 140 3.43 29.25 -20.35
N ALA D 141 4.08 30.29 -19.86
CA ALA D 141 5.30 30.79 -20.52
C ALA D 141 6.25 29.61 -20.75
N ASP D 142 6.97 29.63 -21.85
CA ASP D 142 7.85 28.52 -22.18
C ASP D 142 8.93 28.29 -21.16
N GLY D 143 9.12 27.03 -20.80
CA GLY D 143 10.28 26.63 -19.97
C GLY D 143 11.33 26.00 -20.85
N ILE D 144 12.48 26.69 -20.93
CA ILE D 144 13.54 26.35 -21.89
C ILE D 144 14.82 26.07 -21.15
N VAL D 145 15.44 24.91 -21.44
CA VAL D 145 16.64 24.50 -20.74
C VAL D 145 17.66 23.99 -21.77
N PRO D 146 18.94 23.93 -21.36
CA PRO D 146 19.95 23.32 -22.25
C PRO D 146 19.63 21.86 -22.52
N LEU D 147 20.03 21.39 -23.69
CA LEU D 147 19.88 19.96 -24.02
C LEU D 147 20.47 19.02 -22.96
N GLU D 148 21.68 19.28 -22.48
CA GLU D 148 22.25 18.42 -21.47
C GLU D 148 21.30 18.25 -20.28
N THR D 149 20.70 19.38 -19.90
CA THR D 149 19.82 19.44 -18.74
C THR D 149 18.50 18.71 -19.00
N ALA D 150 17.92 18.92 -20.19
CA ALA D 150 16.71 18.19 -20.57
C ALA D 150 16.94 16.70 -20.52
N ILE D 151 18.10 16.24 -21.04
CA ILE D 151 18.42 14.81 -21.00
C ILE D 151 18.53 14.31 -19.58
N ALA D 152 19.26 15.06 -18.72
CA ALA D 152 19.47 14.65 -17.34
C ALA D 152 18.11 14.60 -16.60
N LEU D 153 17.26 15.61 -16.84
CA LEU D 153 15.92 15.65 -16.24
C LEU D 153 15.13 14.41 -16.66
N LEU D 154 15.13 14.11 -17.96
CA LEU D 154 14.38 12.92 -18.44
C LEU D 154 14.95 11.64 -17.85
N LYS D 155 16.27 11.50 -17.77
CA LYS D 155 16.86 10.31 -17.17
C LYS D 155 16.44 10.18 -15.71
N ASP D 156 16.47 11.29 -14.98
CA ASP D 156 16.07 11.28 -13.58
C ASP D 156 14.62 10.85 -13.41
N MSE D 157 13.80 11.09 -14.42
CA MSE D 157 12.39 10.76 -14.38
C MSE D 157 12.06 9.43 -15.07
O MSE D 157 10.89 9.18 -15.38
CB MSE D 157 11.57 11.90 -15.00
CG MSE D 157 11.71 13.18 -14.15
SE MSE D 157 10.63 14.71 -14.68
CE MSE D 157 11.09 14.68 -16.60
N GLY D 158 13.07 8.61 -15.33
CA GLY D 158 12.82 7.26 -15.85
C GLY D 158 12.65 7.20 -17.37
N GLY D 159 12.98 8.28 -18.06
CA GLY D 159 12.83 8.31 -19.50
C GLY D 159 13.95 7.61 -20.25
N SER D 160 13.64 7.22 -21.48
CA SER D 160 14.56 6.49 -22.34
C SER D 160 15.08 7.35 -23.50
N SER D 161 14.28 8.31 -23.94
CA SER D 161 14.57 9.02 -25.18
C SER D 161 13.89 10.38 -25.18
N ILE D 162 14.39 11.26 -26.03
CA ILE D 162 13.70 12.50 -26.39
C ILE D 162 12.82 12.23 -27.58
N LYS D 163 11.54 12.61 -27.51
CA LYS D 163 10.69 12.74 -28.72
C LYS D 163 10.80 14.22 -29.09
N TYR D 164 11.43 14.51 -30.23
CA TYR D 164 11.71 15.88 -30.60
C TYR D 164 10.64 16.26 -31.60
N PHE D 165 9.71 17.13 -31.16
CA PHE D 165 8.50 17.43 -31.90
C PHE D 165 8.04 18.86 -31.55
N PRO D 166 7.49 19.63 -32.50
CA PRO D 166 7.31 19.33 -33.93
C PRO D 166 8.53 19.75 -34.71
N MSE D 167 9.13 18.80 -35.43
N MSE D 167 9.13 18.84 -35.47
CA MSE D 167 10.33 19.09 -36.23
CA MSE D 167 10.30 19.21 -36.28
C MSE D 167 10.06 19.92 -37.51
C MSE D 167 10.02 20.04 -37.51
O MSE D 167 10.97 20.65 -37.96
O MSE D 167 10.85 20.85 -37.94
CB MSE D 167 11.11 17.81 -36.58
CB MSE D 167 11.01 17.97 -36.74
CG MSE D 167 12.63 18.01 -36.57
CG MSE D 167 11.82 17.48 -35.65
SE MSE D 167 13.77 16.54 -37.17
SE MSE D 167 12.81 15.94 -36.10
CE MSE D 167 12.43 15.36 -37.48
CE MSE D 167 13.92 16.28 -37.56
N GLY D 168 8.87 19.83 -38.11
CA GLY D 168 8.62 20.47 -39.42
C GLY D 168 9.63 20.00 -40.46
N GLY D 169 10.00 18.72 -40.41
CA GLY D 169 10.84 18.14 -41.47
C GLY D 169 12.28 18.58 -41.27
N LEU D 170 12.78 19.33 -42.25
CA LEU D 170 14.11 19.91 -42.14
C LEU D 170 14.10 21.41 -41.85
N LYS D 171 12.93 21.96 -41.51
CA LYS D 171 12.81 23.41 -41.23
C LYS D 171 13.69 23.88 -40.07
N HIS D 172 13.91 22.99 -39.10
N HIS D 172 13.94 23.02 -39.09
CA HIS D 172 14.72 23.28 -37.91
CA HIS D 172 14.81 23.43 -38.00
C HIS D 172 16.02 22.48 -37.96
C HIS D 172 16.03 22.52 -37.97
N ARG D 173 16.67 22.40 -39.12
CA ARG D 173 17.83 21.55 -39.28
C ARG D 173 18.96 21.75 -38.25
N ALA D 174 19.40 22.99 -38.08
CA ALA D 174 20.46 23.25 -37.10
C ALA D 174 20.02 22.86 -35.68
N GLU D 175 18.79 23.18 -35.32
CA GLU D 175 18.30 22.76 -33.99
C GLU D 175 18.38 21.24 -33.85
N PHE D 176 17.91 20.52 -34.89
CA PHE D 176 17.90 19.05 -34.82
C PHE D 176 19.31 18.48 -34.78
N GLU D 177 20.25 19.06 -35.55
CA GLU D 177 21.65 18.65 -35.48
C GLU D 177 22.18 18.79 -34.05
N ALA D 178 21.82 19.87 -33.35
CA ALA D 178 22.28 20.04 -31.97
C ALA D 178 21.62 19.01 -31.04
N VAL D 179 20.32 18.70 -31.24
CA VAL D 179 19.66 17.64 -30.46
C VAL D 179 20.39 16.31 -30.63
N ALA D 180 20.68 15.93 -31.87
CA ALA D 180 21.37 14.67 -32.11
C ALA D 180 22.75 14.68 -31.47
N LYS D 181 23.50 15.78 -31.61
CA LYS D 181 24.84 15.85 -30.99
C LYS D 181 24.75 15.66 -29.48
N ALA D 182 23.75 16.27 -28.85
CA ALA D 182 23.59 16.18 -27.39
C ALA D 182 23.21 14.77 -26.96
N CYS D 183 22.29 14.13 -27.70
CA CYS D 183 21.89 12.79 -27.35
C CYS D 183 23.08 11.84 -27.44
N ALA D 184 23.91 11.99 -28.49
CA ALA D 184 25.11 11.14 -28.58
C ALA D 184 26.09 11.44 -27.43
N ALA D 185 26.29 12.72 -27.12
CA ALA D 185 27.27 13.10 -26.09
C ALA D 185 26.84 12.64 -24.70
N HIS D 186 25.53 12.59 -24.46
CA HIS D 186 25.00 12.33 -23.13
C HIS D 186 24.30 10.99 -23.06
N ASP D 187 24.59 10.09 -24.00
N ASP D 187 24.63 10.08 -23.98
CA ASP D 187 24.15 8.69 -23.91
CA ASP D 187 24.14 8.70 -23.97
C ASP D 187 22.63 8.53 -23.85
C ASP D 187 22.63 8.66 -23.77
N PHE D 188 21.92 9.21 -24.75
CA PHE D 188 20.46 9.17 -24.72
C PHE D 188 19.92 8.89 -26.12
N TRP D 189 18.69 8.41 -26.19
CA TRP D 189 18.09 8.02 -27.47
C TRP D 189 17.22 9.15 -28.03
N LEU D 190 16.89 9.05 -29.31
CA LEU D 190 16.22 10.16 -30.01
C LEU D 190 15.13 9.65 -30.94
N GLU D 191 14.00 10.35 -30.89
CA GLU D 191 12.80 10.02 -31.68
C GLU D 191 12.35 11.24 -32.49
N PRO D 192 12.97 11.46 -33.67
CA PRO D 192 12.60 12.59 -34.49
C PRO D 192 11.15 12.45 -34.96
N THR D 193 10.36 13.52 -34.82
CA THR D 193 8.93 13.48 -35.18
C THR D 193 8.48 14.80 -35.76
N GLY D 194 7.73 14.76 -36.86
CA GLY D 194 6.96 15.89 -37.36
C GLY D 194 7.45 16.29 -38.72
N GLY D 195 6.62 16.10 -39.73
CA GLY D 195 6.97 16.51 -41.10
C GLY D 195 7.93 15.55 -41.80
N ILE D 196 8.14 14.35 -41.25
CA ILE D 196 8.98 13.38 -41.96
C ILE D 196 8.20 12.73 -43.11
N ASP D 197 8.84 12.62 -44.27
CA ASP D 197 8.19 12.02 -45.43
C ASP D 197 9.21 11.24 -46.23
N LEU D 198 8.80 10.65 -47.36
CA LEU D 198 9.71 9.75 -48.05
C LEU D 198 10.86 10.52 -48.66
N GLU D 199 10.67 11.81 -48.90
CA GLU D 199 11.70 12.64 -49.54
C GLU D 199 12.77 13.11 -48.57
N ASN D 200 12.43 13.32 -47.31
CA ASN D 200 13.41 13.82 -46.33
C ASN D 200 13.88 12.80 -45.32
N TYR D 201 13.30 11.60 -45.35
CA TYR D 201 13.60 10.60 -44.33
C TYR D 201 15.09 10.26 -44.25
N SER D 202 15.71 10.00 -45.40
CA SER D 202 17.11 9.58 -45.35
C SER D 202 18.02 10.66 -44.76
N GLU D 203 17.78 11.91 -45.17
CA GLU D 203 18.61 13.00 -44.67
C GLU D 203 18.42 13.20 -43.16
N ILE D 204 17.17 13.15 -42.71
CA ILE D 204 16.89 13.30 -41.28
C ILE D 204 17.52 12.16 -40.46
N LEU D 205 17.31 10.91 -40.91
CA LEU D 205 17.89 9.78 -40.20
C LEU D 205 19.41 9.90 -40.17
N LYS D 206 20.00 10.27 -41.29
CA LYS D 206 21.45 10.32 -41.34
C LYS D 206 22.03 11.40 -40.40
N ILE D 207 21.32 12.50 -40.17
CA ILE D 207 21.80 13.47 -39.17
C ILE D 207 22.01 12.77 -37.81
N ALA D 208 21.04 11.96 -37.41
CA ALA D 208 21.11 11.28 -36.14
C ALA D 208 22.15 10.19 -36.15
N LEU D 209 22.23 9.43 -37.26
CA LEU D 209 23.26 8.40 -37.35
C LEU D 209 24.65 9.00 -37.33
N ASP D 210 24.89 10.06 -38.11
CA ASP D 210 26.21 10.66 -38.21
C ASP D 210 26.64 11.18 -36.84
N ALA D 211 25.70 11.71 -36.05
CA ALA D 211 26.00 12.26 -34.73
C ALA D 211 26.46 11.15 -33.77
N GLY D 212 26.06 9.90 -34.05
CA GLY D 212 26.39 8.78 -33.19
C GLY D 212 25.31 8.48 -32.16
N VAL D 213 24.06 8.89 -32.41
CA VAL D 213 23.01 8.54 -31.46
C VAL D 213 22.85 7.01 -31.48
N SER D 214 22.81 6.37 -30.32
N SER D 214 22.82 6.40 -30.30
CA SER D 214 22.92 4.90 -30.31
CA SER D 214 22.90 4.94 -30.23
C SER D 214 21.63 4.17 -30.69
C SER D 214 21.64 4.27 -30.79
N LYS D 215 20.48 4.75 -30.38
CA LYS D 215 19.17 4.20 -30.80
C LYS D 215 18.31 5.36 -31.27
N ILE D 216 17.69 5.17 -32.43
CA ILE D 216 16.90 6.22 -33.08
C ILE D 216 15.56 5.60 -33.47
N ILE D 217 14.48 6.31 -33.12
CA ILE D 217 13.13 5.85 -33.45
C ILE D 217 12.42 7.00 -34.21
N PRO D 218 12.56 7.02 -35.55
CA PRO D 218 11.84 8.05 -36.31
C PRO D 218 10.34 7.75 -36.33
N HIS D 219 9.53 8.79 -36.18
CA HIS D 219 8.07 8.68 -36.28
C HIS D 219 7.62 9.30 -37.58
N ILE D 220 6.84 8.53 -38.35
CA ILE D 220 6.37 8.99 -39.66
C ILE D 220 4.85 8.74 -39.68
N TYR D 221 4.08 9.83 -39.57
CA TYR D 221 2.62 9.72 -39.46
C TYR D 221 1.94 10.21 -40.74
N SER D 222 1.50 11.47 -40.79
CA SER D 222 0.59 11.91 -41.84
C SER D 222 1.06 11.66 -43.26
N SER D 223 2.37 11.77 -43.51
CA SER D 223 2.83 11.67 -44.89
C SER D 223 2.65 10.29 -45.50
N ILE D 224 2.48 9.27 -44.66
CA ILE D 224 2.33 7.89 -45.15
C ILE D 224 0.95 7.26 -44.87
N ILE D 225 0.00 8.09 -44.44
CA ILE D 225 -1.35 7.62 -44.07
C ILE D 225 -2.32 7.96 -45.18
N ASP D 226 -3.00 6.92 -45.67
CA ASP D 226 -4.09 7.12 -46.65
C ASP D 226 -5.26 7.76 -45.88
N LYS D 227 -5.62 9.00 -46.23
CA LYS D 227 -6.68 9.71 -45.50
C LYS D 227 -8.04 9.03 -45.55
N ALA D 228 -8.38 8.44 -46.69
CA ALA D 228 -9.69 7.81 -46.89
C ALA D 228 -9.89 6.61 -45.96
N SER D 229 -8.85 5.78 -45.81
CA SER D 229 -8.93 4.59 -44.95
C SER D 229 -8.42 4.80 -43.52
N GLY D 230 -7.51 5.75 -43.37
CA GLY D 230 -6.81 5.94 -42.08
C GLY D 230 -5.66 4.97 -41.84
N ASN D 231 -5.34 4.16 -42.85
CA ASN D 231 -4.26 3.18 -42.73
C ASN D 231 -2.94 3.74 -43.23
N THR D 232 -1.87 3.38 -42.54
CA THR D 232 -0.52 3.62 -43.05
C THR D 232 -0.28 2.70 -44.26
N ARG D 233 0.27 3.25 -45.35
CA ARG D 233 0.51 2.49 -46.57
C ARG D 233 1.67 1.52 -46.33
N PRO D 234 1.43 0.19 -46.41
CA PRO D 234 2.56 -0.72 -46.23
C PRO D 234 3.68 -0.52 -47.23
N ALA D 235 3.34 -0.09 -48.45
CA ALA D 235 4.39 0.15 -49.44
C ALA D 235 5.33 1.29 -49.00
N ASP D 236 4.79 2.30 -48.31
CA ASP D 236 5.64 3.37 -47.80
C ASP D 236 6.54 2.83 -46.69
N VAL D 237 6.00 1.95 -45.84
CA VAL D 237 6.83 1.31 -44.81
C VAL D 237 7.97 0.49 -45.45
N ARG D 238 7.69 -0.23 -46.54
CA ARG D 238 8.77 -0.97 -47.21
C ARG D 238 9.83 0.00 -47.71
N GLN D 239 9.40 1.13 -48.27
CA GLN D 239 10.40 2.11 -48.72
C GLN D 239 11.25 2.63 -47.55
N LEU D 240 10.61 2.93 -46.41
CA LEU D 240 11.32 3.46 -45.25
C LEU D 240 12.29 2.42 -44.72
N LEU D 241 11.90 1.13 -44.74
CA LEU D 241 12.81 0.08 -44.33
C LEU D 241 14.06 0.02 -45.20
N GLU D 242 13.84 0.07 -46.51
CA GLU D 242 14.98 0.03 -47.41
C GLU D 242 15.89 1.25 -47.23
N MSE D 243 15.31 2.43 -47.04
CA MSE D 243 16.14 3.61 -46.82
C MSE D 243 16.96 3.44 -45.54
O MSE D 243 18.12 3.87 -45.48
CB MSE D 243 15.29 4.87 -46.72
CG MSE D 243 14.71 5.30 -48.07
SE MSE D 243 13.45 6.79 -47.87
CE MSE D 243 12.61 6.78 -49.60
N THR D 244 16.39 2.81 -44.53
CA THR D 244 17.09 2.56 -43.29
C THR D 244 18.24 1.56 -43.52
N LYS D 245 17.99 0.49 -44.27
CA LYS D 245 19.06 -0.48 -44.56
C LYS D 245 20.21 0.16 -45.34
N GLN D 246 19.88 1.10 -46.24
CA GLN D 246 20.91 1.79 -47.03
C GLN D 246 21.81 2.67 -46.15
N LEU D 247 21.35 3.04 -44.97
CA LEU D 247 22.08 3.98 -44.10
C LEU D 247 22.72 3.36 -42.87
N VAL D 248 22.31 2.14 -42.55
CA VAL D 248 22.73 1.53 -41.30
C VAL D 248 23.51 0.28 -41.67
N LYS D 249 24.83 0.36 -41.49
CA LYS D 249 25.73 -0.73 -41.86
C LYS D 249 25.55 -1.88 -40.85
S SO4 E . -5.16 -30.29 -6.40
O1 SO4 E . -5.08 -29.42 -5.21
O2 SO4 E . -5.70 -31.59 -5.97
O3 SO4 E . -6.02 -29.66 -7.48
O4 SO4 E . -3.79 -30.46 -6.97
S SO4 F . -16.21 -8.84 37.56
O1 SO4 F . -14.91 -8.63 38.26
O2 SO4 F . -16.86 -10.02 38.16
O3 SO4 F . -17.04 -7.62 37.73
O4 SO4 F . -15.95 -9.05 36.14
C1 GOL G . 10.62 -5.60 19.77
O1 GOL G . 10.73 -5.45 21.17
C2 GOL G . 10.14 -7.01 19.41
O2 GOL G . 8.93 -7.25 20.10
C3 GOL G . 9.94 -7.32 17.94
O3 GOL G . 9.50 -8.66 17.79
S SO4 H . 17.46 25.27 7.92
O1 SO4 H . 18.18 26.45 7.47
O2 SO4 H . 16.21 25.61 8.64
O3 SO4 H . 17.11 24.42 6.75
O4 SO4 H . 18.38 24.49 8.80
C TRS I . 14.79 11.29 23.78
C1 TRS I . 16.18 10.76 23.50
C2 TRS I . 13.85 10.14 23.51
C3 TRS I . 14.56 12.45 22.87
N TRS I . 14.74 11.73 25.20
O1 TRS I . 16.30 10.49 22.14
O2 TRS I . 13.00 9.89 24.59
O3 TRS I . 13.35 12.87 23.30
S SO4 J . 3.52 14.06 -38.70
O1 SO4 J . 4.01 15.28 -39.36
O2 SO4 J . 3.61 14.16 -37.25
O3 SO4 J . 2.11 13.87 -39.13
O4 SO4 J . 4.36 12.93 -39.17
#